data_8ORJ
#
_entry.id   8ORJ
#
_cell.length_a   1.00
_cell.length_b   1.00
_cell.length_c   1.00
_cell.angle_alpha   90.00
_cell.angle_beta   90.00
_cell.angle_gamma   90.00
#
_symmetry.space_group_name_H-M   'P 1'
#
loop_
_entity.id
_entity.type
_entity.pdbx_description
1 polymer 'RNA-splicing ligase RtcB homolog'
2 polymer 'Pyridine nucleotide-disulfide oxidoreductase domain-containing protein 1'
3 non-polymer 'MAGNESIUM ION'
4 non-polymer NICOTINAMIDE-ADENINE-DINUCLEOTIDE
5 non-polymer 'DIHYDROFLAVINE-ADENINE DINUCLEOTIDE'
#
loop_
_entity_poly.entity_id
_entity_poly.type
_entity_poly.pdbx_seq_one_letter_code
_entity_poly.pdbx_strand_id
1 'polypeptide(L)'
;SNAMSRSYNDELQFLEKINKNCWRIKKGFVPNMQVEGVFYVNDALEKLMFEELRNACRGGGVGGFLPAMKQIGNVAALPG
IVHRSIGLPDVHSGYGFAIGNMAAFDMNDPEAVVSPGGVGFDINCGVRLLRTNLDESDVQPVKEQLAQAMFDHIPVGVGS
KGVIPMNAKDLEEALEMGVDWSLREGYAWAEDKEHCEEYGRMLQADPNKVSARAKKRGLPQLGTLGAGNHYAEIQVVDEI
FNEYAAKKMGIDHKGQVCVMIHSGSRGLGHQVATDALVAMEKAMKRDKIIVNDRQLACARIASPEGQDYLKGMAAAGNYA
WVNRSSMTFLTRQAFAKVFNTTPDDLDLHVIYDVSHNIAKVEQHVVDGKERTLLVHRKGSTRAFPPHHPLIAVDYQLTGQ
PVLIGGTMGTCSYVLTGTEQGMTETFGTTCHGAGRALSRAKSRRNLDFQDVLDKLADMGIAIRVASPKLVMEEAPESYKN
VTDVVNTCHDAGISKKAIKLRPIAVIKG
;
A
2 'polypeptide(L)'
;GPMEAARPPPTAGKFVVVGGGIAGVTCAEQLATHFPSEDILLVTASPVIKAVTNFKQISKILEEFDVEEQSSTMLGKRFP
NIKVIESGVKQLKSEEHCIVTEDGNQHVYKKLCLCAGAKPKLICEGNPYVLGIRDTDSAQEFQKQLTKAKRIMIIGNGGI
ALELVYEIEGCEVIWAIKDKAIGNTFFDAGAAEFLTSKLIAEKSEAKIAHKRTRYTTEGRKKEARSKSKADNVGSALGPD
WHEGLNLKGTKEFSHKIHLETMCEVKKIYLQDEFRILKKKSFTFPRDHKSVTADTEMWPVYVELTNEKIYGCDFIVSATG
VTPNVEPFLHGNSFDLGEDGGLKVDDHMHTSLPDIYAAGDICTTSWQLSPVWQQMRLWTQARQMGWYAAKCMAAASSGDS
IDMDFSFELFAHVTKFFNYKVVLLGKYNAQGLGSDHELMLRCTKGREYIKVVMQNGRMMGAVLIGETDLEETFENLILNQ
MNLSSYGEDLLDPNIDIEDYFD
;
B
#
# COMPACT_ATOMS: atom_id res chain seq x y z
N SER A 7 7.78 -37.93 16.11
CA SER A 7 7.05 -37.71 17.38
C SER A 7 7.63 -36.57 18.19
N TYR A 8 6.81 -35.88 18.98
CA TYR A 8 7.24 -34.71 19.75
C TYR A 8 8.36 -35.04 20.74
N ASN A 9 8.23 -36.15 21.46
CA ASN A 9 9.28 -36.62 22.36
C ASN A 9 10.58 -37.02 21.64
N ASP A 10 10.53 -37.37 20.35
CA ASP A 10 11.75 -37.65 19.56
C ASP A 10 12.46 -36.35 19.19
N GLU A 11 11.73 -35.35 18.70
CA GLU A 11 12.27 -34.03 18.38
C GLU A 11 12.89 -33.37 19.61
N LEU A 12 12.26 -33.54 20.78
CA LEU A 12 12.73 -33.00 22.05
C LEU A 12 14.17 -33.44 22.39
N GLN A 13 14.61 -34.63 21.98
CA GLN A 13 15.96 -35.10 22.29
C GLN A 13 17.06 -34.22 21.69
N PHE A 14 16.77 -33.52 20.59
CA PHE A 14 17.73 -32.62 19.97
C PHE A 14 17.82 -31.27 20.68
N LEU A 15 16.95 -30.99 21.66
CA LEU A 15 16.80 -29.65 22.22
C LEU A 15 17.11 -29.67 23.73
N GLU A 16 17.99 -28.79 24.17
CA GLU A 16 18.42 -28.68 25.57
C GLU A 16 18.63 -27.22 25.95
N LYS A 17 18.81 -26.92 27.23
CA LYS A 17 18.93 -25.53 27.69
C LYS A 17 20.40 -25.13 27.90
N ILE A 18 20.88 -24.09 27.21
CA ILE A 18 22.25 -23.58 27.40
C ILE A 18 22.33 -22.77 28.69
N ASN A 19 21.39 -21.85 28.88
CA ASN A 19 21.38 -20.88 29.97
C ASN A 19 19.94 -20.42 30.24
N LYS A 20 19.70 -19.70 31.33
CA LYS A 20 18.35 -19.28 31.76
C LYS A 20 17.51 -18.67 30.62
N ASN A 21 18.13 -17.92 29.72
CA ASN A 21 17.46 -17.28 28.58
C ASN A 21 17.89 -17.76 27.18
N CYS A 22 18.57 -18.92 27.04
CA CYS A 22 18.83 -19.49 25.70
C CYS A 22 18.83 -21.02 25.67
N TRP A 23 18.37 -21.56 24.55
CA TRP A 23 18.20 -22.98 24.28
C TRP A 23 19.01 -23.39 23.05
N ARG A 24 19.38 -24.66 22.97
CA ARG A 24 20.16 -25.23 21.86
C ARG A 24 19.37 -26.20 21.01
N ILE A 25 19.63 -26.18 19.71
CA ILE A 25 19.17 -27.12 18.69
C ILE A 25 20.40 -27.94 18.26
N LYS A 26 20.53 -29.15 18.77
CA LYS A 26 21.65 -30.05 18.47
C LYS A 26 21.57 -30.54 17.02
N LYS A 27 22.72 -30.82 16.41
CA LYS A 27 22.81 -31.32 15.02
C LYS A 27 21.99 -32.59 14.81
N GLY A 28 21.42 -32.75 13.62
CA GLY A 28 20.58 -33.90 13.24
C GLY A 28 19.06 -33.66 13.38
N PHE A 29 18.63 -32.49 13.84
CA PHE A 29 17.22 -32.10 13.89
C PHE A 29 16.55 -32.07 12.52
N VAL A 30 17.35 -31.75 11.51
CA VAL A 30 17.03 -31.76 10.08
C VAL A 30 18.10 -32.60 9.35
N PRO A 31 17.85 -33.10 8.13
CA PRO A 31 18.67 -34.14 7.50
C PRO A 31 20.17 -33.83 7.39
N ASN A 32 20.55 -32.57 7.18
CA ASN A 32 21.92 -32.09 7.20
C ASN A 32 22.01 -30.85 8.10
N MET A 33 23.04 -30.73 8.92
CA MET A 33 23.30 -29.56 9.77
C MET A 33 24.81 -29.33 9.88
N GLN A 34 25.30 -28.19 9.41
CA GLN A 34 26.72 -27.86 9.50
C GLN A 34 27.12 -27.46 10.92
N VAL A 35 26.25 -26.72 11.63
CA VAL A 35 26.50 -26.14 12.96
C VAL A 35 25.23 -26.24 13.80
N GLU A 36 25.34 -26.17 15.12
CA GLU A 36 24.18 -26.15 16.01
C GLU A 36 23.31 -24.90 15.83
N GLY A 37 22.06 -24.96 16.28
CA GLY A 37 21.18 -23.81 16.40
C GLY A 37 20.98 -23.36 17.84
N VAL A 38 20.56 -22.11 18.03
CA VAL A 38 20.24 -21.54 19.35
C VAL A 38 19.00 -20.68 19.25
N PHE A 39 18.11 -20.70 20.25
CA PHE A 39 17.00 -19.75 20.34
C PHE A 39 17.06 -19.00 21.66
N TYR A 40 16.97 -17.67 21.58
CA TYR A 40 17.01 -16.76 22.73
C TYR A 40 15.56 -16.46 23.13
N VAL A 41 15.21 -16.74 24.37
CA VAL A 41 13.82 -16.73 24.85
C VAL A 41 13.73 -16.27 26.30
N ASN A 42 12.65 -15.57 26.65
CA ASN A 42 12.16 -15.45 28.01
C ASN A 42 11.25 -16.63 28.36
N ASP A 43 11.03 -16.90 29.65
CA ASP A 43 10.16 -17.98 30.13
C ASP A 43 8.81 -18.01 29.41
N ALA A 44 8.21 -16.85 29.18
CA ALA A 44 6.94 -16.74 28.48
C ALA A 44 7.06 -17.04 26.97
N LEU A 45 7.91 -16.30 26.24
CA LEU A 45 7.99 -16.43 24.79
C LEU A 45 8.58 -17.80 24.35
N GLU A 46 9.31 -18.48 25.23
CA GLU A 46 9.69 -19.89 25.07
C GLU A 46 8.49 -20.81 24.95
N LYS A 47 7.45 -20.65 25.78
CA LYS A 47 6.29 -21.57 25.75
C LYS A 47 5.68 -21.58 24.34
N LEU A 48 5.58 -20.41 23.72
CA LEU A 48 5.07 -20.25 22.37
C LEU A 48 6.01 -20.84 21.31
N MET A 49 7.33 -20.65 21.43
CA MET A 49 8.30 -21.22 20.48
C MET A 49 8.27 -22.74 20.43
N PHE A 50 8.10 -23.43 21.57
CA PHE A 50 7.91 -24.89 21.57
C PHE A 50 6.53 -25.32 21.06
N GLU A 51 5.47 -24.56 21.32
CA GLU A 51 4.13 -24.94 20.87
C GLU A 51 4.03 -25.01 19.35
N GLU A 52 4.70 -24.12 18.62
CA GLU A 52 4.74 -24.14 17.16
C GLU A 52 5.27 -25.47 16.63
N LEU A 53 6.33 -26.01 17.25
CA LEU A 53 6.95 -27.29 16.83
C LEU A 53 5.98 -28.45 17.12
N ARG A 54 5.40 -28.49 18.31
CA ARG A 54 4.48 -29.59 18.72
C ARG A 54 3.26 -29.60 17.79
N ASN A 55 2.70 -28.43 17.48
CA ASN A 55 1.49 -28.31 16.62
C ASN A 55 1.82 -28.88 15.24
N ALA A 56 3.00 -28.59 14.70
CA ALA A 56 3.46 -29.09 13.38
C ALA A 56 3.59 -30.62 13.44
N CYS A 57 4.08 -31.18 14.55
CA CYS A 57 4.26 -32.64 14.72
C CYS A 57 2.91 -33.37 14.67
N ARG A 58 1.87 -32.83 15.30
CA ARG A 58 0.51 -33.45 15.32
C ARG A 58 -0.07 -33.45 13.90
N GLY A 59 0.32 -32.47 13.07
CA GLY A 59 -0.13 -32.38 11.68
C GLY A 59 0.58 -33.37 10.76
N GLY A 60 -0.11 -34.41 10.30
CA GLY A 60 0.45 -35.42 9.41
C GLY A 60 0.83 -34.89 8.04
N GLY A 61 2.10 -34.99 7.65
CA GLY A 61 2.61 -34.53 6.36
C GLY A 61 2.40 -33.05 6.08
N VAL A 62 2.43 -32.21 7.13
CA VAL A 62 2.04 -30.79 7.06
C VAL A 62 2.77 -30.04 5.93
N GLY A 63 2.02 -29.30 5.12
CA GLY A 63 2.53 -28.54 3.98
C GLY A 63 2.58 -27.05 4.25
N GLY A 64 3.73 -26.43 4.01
CA GLY A 64 3.97 -25.01 4.21
C GLY A 64 3.91 -24.56 5.67
N PHE A 65 4.28 -23.30 5.92
CA PHE A 65 4.23 -22.66 7.25
C PHE A 65 4.88 -23.50 8.35
N LEU A 66 6.05 -24.06 8.05
CA LEU A 66 6.83 -24.89 8.96
C LEU A 66 7.15 -24.15 10.27
N PRO A 67 7.33 -24.87 11.39
CA PRO A 67 7.54 -24.28 12.70
C PRO A 67 8.87 -23.55 12.76
N ALA A 68 8.92 -22.44 13.49
CA ALA A 68 10.10 -21.60 13.51
C ALA A 68 11.38 -22.35 13.89
N MET A 69 11.34 -23.22 14.90
CA MET A 69 12.51 -24.01 15.30
C MET A 69 13.08 -24.87 14.17
N LYS A 70 12.24 -25.49 13.34
CA LYS A 70 12.72 -26.27 12.18
C LYS A 70 13.35 -25.35 11.12
N GLN A 71 12.80 -24.16 10.92
CA GLN A 71 13.39 -23.18 10.02
C GLN A 71 14.80 -22.76 10.48
N ILE A 72 15.05 -22.62 11.78
CA ILE A 72 16.41 -22.34 12.29
C ILE A 72 17.38 -23.45 11.86
N GLY A 73 16.94 -24.71 11.96
CA GLY A 73 17.74 -25.87 11.56
C GLY A 73 18.00 -25.94 10.05
N ASN A 74 17.00 -25.67 9.21
CA ASN A 74 17.24 -25.66 7.77
C ASN A 74 18.26 -24.58 7.37
N VAL A 75 18.31 -23.45 8.06
CA VAL A 75 19.39 -22.48 7.84
C VAL A 75 20.74 -23.04 8.29
N ALA A 76 20.80 -23.82 9.36
CA ALA A 76 22.02 -24.52 9.76
C ALA A 76 22.49 -25.57 8.76
N ALA A 77 21.64 -26.01 7.84
CA ALA A 77 22.05 -26.92 6.77
C ALA A 77 22.80 -26.21 5.64
N LEU A 78 22.76 -24.89 5.58
CA LEU A 78 23.29 -24.18 4.43
C LEU A 78 24.83 -24.21 4.37
N PRO A 79 25.43 -24.27 3.17
CA PRO A 79 26.88 -24.27 2.99
C PRO A 79 27.57 -23.03 3.56
N GLY A 80 28.51 -23.22 4.48
CA GLY A 80 29.36 -22.14 4.99
C GLY A 80 28.96 -21.51 6.32
N ILE A 81 27.90 -21.98 7.00
CA ILE A 81 27.48 -21.39 8.27
C ILE A 81 28.59 -21.52 9.32
N VAL A 82 29.09 -20.40 9.85
CA VAL A 82 30.32 -20.36 10.69
C VAL A 82 30.04 -20.28 12.19
N HIS A 83 28.88 -19.81 12.58
CA HIS A 83 28.49 -19.67 13.99
C HIS A 83 27.04 -20.13 14.18
N ARG A 84 26.64 -20.37 15.41
CA ARG A 84 25.32 -20.95 15.74
C ARG A 84 24.20 -20.24 14.98
N SER A 85 23.31 -20.98 14.31
CA SER A 85 22.11 -20.36 13.71
C SER A 85 21.21 -19.90 14.83
N ILE A 86 21.06 -18.59 15.01
CA ILE A 86 20.51 -18.04 16.25
C ILE A 86 19.18 -17.34 15.99
N GLY A 87 18.16 -17.71 16.77
CA GLY A 87 16.83 -17.13 16.75
C GLY A 87 16.70 -16.07 17.84
N LEU A 88 16.45 -14.83 17.41
CA LEU A 88 16.24 -13.72 18.36
C LEU A 88 14.82 -13.87 18.94
N PRO A 89 14.38 -13.06 19.91
CA PRO A 89 13.07 -13.26 20.57
C PRO A 89 11.86 -13.09 19.64
N ASP A 90 12.01 -12.33 18.56
CA ASP A 90 10.88 -12.04 17.64
C ASP A 90 10.73 -13.18 16.63
N VAL A 91 11.46 -14.28 16.83
CA VAL A 91 11.45 -15.38 15.81
C VAL A 91 10.01 -15.83 15.53
N HIS A 92 9.63 -15.90 14.25
CA HIS A 92 8.28 -16.36 13.84
C HIS A 92 8.32 -16.79 12.38
N SER A 93 7.28 -17.50 11.89
CA SER A 93 7.27 -18.03 10.51
C SER A 93 7.64 -16.97 9.46
N GLY A 94 8.63 -17.25 8.60
CA GLY A 94 9.01 -16.34 7.50
C GLY A 94 9.49 -17.15 6.32
N TYR A 95 9.32 -16.68 5.08
CA TYR A 95 9.68 -17.45 3.86
C TYR A 95 11.17 -17.80 3.91
N GLY A 96 11.55 -19.02 3.56
CA GLY A 96 12.96 -19.43 3.67
C GLY A 96 13.38 -19.33 5.12
N PHE A 97 14.34 -18.46 5.43
CA PHE A 97 14.85 -18.25 6.83
C PHE A 97 13.70 -17.87 7.76
N ALA A 98 13.71 -18.39 9.00
CA ALA A 98 12.72 -17.97 10.03
C ALA A 98 12.97 -16.50 10.32
N ILE A 99 11.94 -15.72 10.63
CA ILE A 99 12.11 -14.29 11.00
C ILE A 99 12.89 -14.24 12.32
N GLY A 100 13.82 -13.28 12.49
CA GLY A 100 14.65 -13.17 13.70
C GLY A 100 15.96 -13.95 13.56
N ASN A 101 16.17 -14.71 12.50
CA ASN A 101 17.35 -15.56 12.39
C ASN A 101 18.58 -14.78 11.91
N MET A 102 19.69 -14.88 12.64
CA MET A 102 21.03 -14.55 12.11
C MET A 102 21.70 -15.83 11.67
N ALA A 103 22.22 -15.80 10.46
CA ALA A 103 23.14 -16.78 9.92
C ALA A 103 24.36 -16.05 9.39
N ALA A 104 25.57 -16.56 9.62
CA ALA A 104 26.77 -15.93 9.10
C ALA A 104 27.62 -16.93 8.33
N PHE A 105 28.12 -16.52 7.18
CA PHE A 105 28.89 -17.36 6.29
C PHE A 105 30.21 -16.66 5.95
N ASP A 106 31.31 -17.38 5.97
CA ASP A 106 32.63 -16.79 5.73
C ASP A 106 32.80 -16.48 4.25
N MET A 107 33.01 -15.21 3.88
CA MET A 107 33.21 -14.85 2.47
C MET A 107 34.47 -15.46 1.85
N ASN A 108 35.46 -15.87 2.65
CA ASN A 108 36.67 -16.53 2.15
C ASN A 108 36.52 -18.04 1.96
N ASP A 109 35.50 -18.68 2.53
CA ASP A 109 35.27 -20.10 2.26
C ASP A 109 34.74 -20.30 0.82
N PRO A 110 35.24 -21.30 0.07
CA PRO A 110 34.90 -21.44 -1.33
C PRO A 110 33.46 -21.91 -1.51
N GLU A 111 33.02 -22.89 -0.74
CA GLU A 111 31.60 -23.22 -0.64
C GLU A 111 30.92 -22.36 0.41
N ALA A 112 30.19 -21.35 -0.07
CA ALA A 112 29.40 -20.41 0.71
C ALA A 112 28.00 -20.25 0.11
N VAL A 113 27.14 -19.46 0.75
CA VAL A 113 25.76 -19.25 0.33
C VAL A 113 25.32 -17.81 0.59
N VAL A 114 24.53 -17.25 -0.33
CA VAL A 114 23.69 -16.06 -0.12
C VAL A 114 22.23 -16.53 -0.20
N SER A 115 21.38 -16.30 0.81
CA SER A 115 19.94 -16.68 0.75
C SER A 115 19.06 -15.43 0.65
N PRO A 116 18.21 -15.29 -0.38
CA PRO A 116 17.21 -14.22 -0.43
C PRO A 116 16.27 -14.23 0.76
N GLY A 117 15.86 -15.41 1.22
CA GLY A 117 15.05 -15.54 2.43
C GLY A 117 15.77 -15.06 3.67
N GLY A 118 17.10 -15.11 3.70
CA GLY A 118 17.92 -14.49 4.74
C GLY A 118 18.16 -12.99 4.57
N VAL A 119 17.49 -12.31 3.65
CA VAL A 119 17.36 -10.84 3.64
C VAL A 119 15.91 -10.44 3.84
N GLY A 120 14.96 -11.19 3.26
CA GLY A 120 13.53 -10.84 3.23
C GLY A 120 13.09 -10.51 1.81
N PHE A 121 11.79 -10.26 1.60
CA PHE A 121 11.31 -9.86 0.27
C PHE A 121 11.43 -8.36 0.07
N ASP A 122 11.10 -7.57 1.09
CA ASP A 122 11.62 -6.22 1.16
C ASP A 122 13.12 -6.26 1.41
N ILE A 123 13.77 -5.12 1.21
CA ILE A 123 15.17 -4.92 1.53
C ILE A 123 15.26 -3.59 2.27
N ASN A 124 16.02 -3.56 3.36
CA ASN A 124 16.26 -2.37 4.15
C ASN A 124 14.98 -1.75 4.73
N CYS A 125 13.99 -2.56 5.10
CA CYS A 125 12.95 -2.11 6.03
C CYS A 125 13.65 -1.62 7.30
N GLY A 126 13.29 -0.44 7.81
CA GLY A 126 14.00 0.16 8.95
C GLY A 126 13.11 1.11 9.71
N VAL A 127 13.66 1.84 10.69
CA VAL A 127 12.90 2.86 11.49
C VAL A 127 13.81 4.07 11.71
N ARG A 128 13.32 5.31 11.52
CA ARG A 128 14.12 6.53 11.80
C ARG A 128 13.41 7.40 12.84
N LEU A 129 13.88 7.38 14.09
CA LEU A 129 13.29 8.19 15.20
C LEU A 129 13.80 9.62 15.05
N LEU A 130 13.00 10.66 15.25
CA LEU A 130 13.45 12.09 15.19
C LEU A 130 13.08 12.83 16.48
N ARG A 131 14.04 13.43 17.20
CA ARG A 131 13.77 14.20 18.46
C ARG A 131 13.09 15.52 18.10
N THR A 132 12.36 16.16 19.03
CA THR A 132 11.67 17.47 18.81
C THR A 132 11.60 18.21 20.16
N ASN A 133 11.83 19.53 20.21
CA ASN A 133 11.87 20.21 21.50
C ASN A 133 10.48 20.35 22.16
N LEU A 134 9.40 20.19 21.39
CA LEU A 134 8.05 20.32 21.89
C LEU A 134 7.71 19.20 22.88
N ASP A 135 6.97 19.54 23.93
CA ASP A 135 6.43 18.57 24.90
C ASP A 135 5.04 18.09 24.48
N GLU A 136 4.57 17.01 25.11
CA GLU A 136 3.22 16.48 24.87
C GLU A 136 2.12 17.53 25.07
N SER A 137 2.30 18.49 25.97
CA SER A 137 1.33 19.57 26.20
C SER A 137 1.28 20.62 25.10
N ASP A 138 2.37 20.80 24.35
CA ASP A 138 2.35 21.68 23.18
C ASP A 138 1.54 21.04 22.05
N VAL A 139 1.64 19.72 21.87
CA VAL A 139 1.00 19.04 20.74
C VAL A 139 -0.40 18.53 21.05
N GLN A 140 -0.70 18.13 22.30
CA GLN A 140 -1.98 17.50 22.64
C GLN A 140 -3.23 18.32 22.25
N PRO A 141 -3.29 19.64 22.45
CA PRO A 141 -4.42 20.45 21.99
C PRO A 141 -4.59 20.54 20.47
N VAL A 142 -3.54 20.26 19.69
CA VAL A 142 -3.56 20.38 18.22
C VAL A 142 -3.28 19.05 17.51
N LYS A 143 -3.31 17.94 18.24
CA LYS A 143 -2.91 16.62 17.71
C LYS A 143 -3.69 16.23 16.46
N GLU A 144 -4.96 16.60 16.37
CA GLU A 144 -5.79 16.32 15.20
C GLU A 144 -5.36 17.16 13.98
N GLN A 145 -4.97 18.41 14.20
CA GLN A 145 -4.42 19.26 13.14
C GLN A 145 -3.09 18.71 12.63
N LEU A 146 -2.20 18.32 13.54
CA LEU A 146 -0.93 17.69 13.20
C LEU A 146 -1.12 16.38 12.47
N ALA A 147 -2.05 15.54 12.90
CA ALA A 147 -2.38 14.31 12.19
C ALA A 147 -2.85 14.60 10.76
N GLN A 148 -3.82 15.50 10.56
CA GLN A 148 -4.25 15.82 9.20
C GLN A 148 -3.10 16.41 8.38
N ALA A 149 -2.29 17.31 8.95
CA ALA A 149 -1.15 17.86 8.24
C ALA A 149 -0.17 16.77 7.83
N MET A 150 0.11 15.79 8.69
CA MET A 150 0.94 14.65 8.33
C MET A 150 0.29 13.80 7.24
N PHE A 151 -0.98 13.41 7.36
CA PHE A 151 -1.64 12.63 6.31
C PHE A 151 -1.75 13.40 4.99
N ASP A 152 -1.84 14.73 5.04
CA ASP A 152 -1.84 15.56 3.85
C ASP A 152 -0.44 15.60 3.23
N HIS A 153 0.59 15.74 4.06
CA HIS A 153 1.96 15.81 3.58
C HIS A 153 2.58 14.48 3.17
N ILE A 154 2.28 13.39 3.88
CA ILE A 154 2.87 12.07 3.69
C ILE A 154 1.87 11.19 2.94
N PRO A 155 2.17 10.77 1.71
CA PRO A 155 1.36 9.83 0.97
C PRO A 155 1.36 8.45 1.64
N VAL A 156 0.20 7.79 1.69
CA VAL A 156 0.03 6.50 2.38
C VAL A 156 -0.85 5.54 1.59
N GLY A 157 -0.73 4.23 1.87
CA GLY A 157 -1.61 3.21 1.33
C GLY A 157 -1.28 2.71 -0.07
N VAL A 158 -1.93 1.62 -0.47
CA VAL A 158 -1.81 1.01 -1.79
C VAL A 158 -2.30 1.94 -2.90
N GLY A 159 -1.72 1.84 -4.09
CA GLY A 159 -2.07 2.69 -5.23
C GLY A 159 -1.73 4.17 -5.07
N SER A 160 -1.11 4.55 -3.95
CA SER A 160 -0.71 5.93 -3.68
C SER A 160 0.43 6.38 -4.60
N LYS A 161 0.57 7.68 -4.82
CA LYS A 161 1.62 8.27 -5.66
C LYS A 161 2.32 9.40 -4.90
N GLY A 162 3.63 9.45 -4.98
CA GLY A 162 4.42 10.44 -4.25
C GLY A 162 4.23 11.86 -4.76
N VAL A 163 4.25 12.85 -3.85
CA VAL A 163 4.19 14.26 -4.24
C VAL A 163 5.53 14.74 -4.79
N ILE A 164 6.64 14.29 -4.21
CA ILE A 164 7.98 14.66 -4.67
C ILE A 164 8.18 14.17 -6.11
N PRO A 165 8.52 15.05 -7.07
CA PRO A 165 8.81 14.65 -8.44
C PRO A 165 9.97 13.64 -8.51
N MET A 166 9.82 12.58 -9.30
CA MET A 166 10.84 11.55 -9.46
C MET A 166 11.07 11.27 -10.95
N ASN A 167 12.32 11.18 -11.36
CA ASN A 167 12.72 10.93 -12.74
C ASN A 167 13.60 9.69 -12.81
N ALA A 168 13.60 8.98 -13.93
CA ALA A 168 14.39 7.76 -14.06
C ALA A 168 15.88 7.97 -13.78
N LYS A 169 16.49 9.05 -14.29
CA LYS A 169 17.89 9.34 -14.02
C LYS A 169 18.14 9.57 -12.53
N ASP A 170 17.30 10.39 -11.92
CA ASP A 170 17.39 10.68 -10.49
C ASP A 170 17.14 9.44 -9.65
N LEU A 171 16.26 8.53 -10.10
CA LEU A 171 16.06 7.24 -9.45
C LEU A 171 17.34 6.42 -9.51
N GLU A 172 17.96 6.28 -10.68
CA GLU A 172 19.23 5.54 -10.78
C GLU A 172 20.32 6.15 -9.90
N GLU A 173 20.43 7.48 -9.88
CA GLU A 173 21.33 8.15 -8.96
C GLU A 173 21.02 7.76 -7.51
N ALA A 174 19.77 7.87 -7.06
CA ALA A 174 19.39 7.49 -5.71
C ALA A 174 19.69 6.01 -5.41
N LEU A 175 19.44 5.09 -6.34
CA LEU A 175 19.74 3.66 -6.15
C LEU A 175 21.25 3.42 -5.99
N GLU A 176 22.11 4.19 -6.65
CA GLU A 176 23.56 4.02 -6.56
C GLU A 176 24.19 4.83 -5.41
N MET A 177 23.50 5.90 -4.96
CA MET A 177 24.04 6.94 -4.10
C MET A 177 23.39 7.03 -2.70
N GLY A 178 22.24 6.41 -2.45
CA GLY A 178 21.63 6.37 -1.12
C GLY A 178 21.40 7.76 -0.50
N VAL A 179 21.57 7.89 0.81
CA VAL A 179 21.31 9.14 1.54
C VAL A 179 22.08 10.32 1.00
N ASP A 180 23.31 10.09 0.51
CA ASP A 180 24.15 11.18 -0.07
C ASP A 180 23.29 11.92 -1.11
N TRP A 181 22.50 11.20 -1.91
CA TRP A 181 21.63 11.81 -2.95
C TRP A 181 20.60 12.73 -2.29
N SER A 182 19.94 12.29 -1.22
CA SER A 182 18.90 13.09 -0.51
C SER A 182 19.54 14.33 0.13
N LEU A 183 20.71 14.18 0.75
CA LEU A 183 21.41 15.31 1.41
C LEU A 183 21.78 16.34 0.33
N ARG A 184 22.26 15.88 -0.83
CA ARG A 184 22.64 16.77 -1.97
C ARG A 184 21.39 17.49 -2.49
N GLU A 185 20.25 16.79 -2.59
CA GLU A 185 18.99 17.35 -3.15
C GLU A 185 18.48 18.49 -2.25
N GLY A 186 18.59 18.37 -0.92
CA GLY A 186 18.06 19.35 0.04
C GLY A 186 16.94 18.77 0.90
N TYR A 187 16.64 17.47 0.76
CA TYR A 187 15.62 16.81 1.57
C TYR A 187 16.19 16.22 2.88
N ALA A 188 17.47 16.40 3.18
CA ALA A 188 18.10 15.91 4.40
C ALA A 188 19.20 16.89 4.86
N TRP A 189 19.67 16.75 6.09
CA TRP A 189 20.69 17.62 6.71
C TRP A 189 21.93 16.83 7.07
N ALA A 190 23.10 17.47 7.18
CA ALA A 190 24.35 16.74 7.41
C ALA A 190 24.31 15.89 8.69
N GLU A 191 23.58 16.34 9.69
CA GLU A 191 23.33 15.59 10.92
C GLU A 191 22.53 14.29 10.65
N ASP A 192 21.66 14.27 9.64
CA ASP A 192 20.96 13.06 9.21
C ASP A 192 21.92 12.01 8.67
N LYS A 193 22.96 12.43 7.93
CA LYS A 193 23.99 11.54 7.39
C LYS A 193 24.78 10.87 8.53
N GLU A 194 25.10 11.63 9.58
CA GLU A 194 25.85 11.11 10.72
C GLU A 194 25.05 10.05 11.49
N HIS A 195 23.84 10.36 11.91
CA HIS A 195 23.05 9.47 12.76
C HIS A 195 22.31 8.40 11.96
N CYS A 196 22.96 7.79 10.98
CA CYS A 196 22.37 6.83 10.08
C CYS A 196 23.24 5.58 9.91
N GLU A 197 22.66 4.37 9.93
CA GLU A 197 23.43 3.09 9.82
C GLU A 197 24.30 3.11 8.56
N GLU A 198 25.63 3.01 8.69
CA GLU A 198 26.60 3.01 7.55
C GLU A 198 26.49 4.36 6.83
N TYR A 199 26.06 5.41 7.52
CA TYR A 199 25.82 6.75 6.93
C TYR A 199 24.81 6.54 5.79
N GLY A 200 23.93 5.56 5.93
CA GLY A 200 22.91 5.25 4.91
C GLY A 200 23.51 4.99 3.54
N ARG A 201 24.66 4.31 3.44
CA ARG A 201 25.35 4.10 2.14
C ARG A 201 25.73 2.64 1.94
N MET A 202 25.46 2.07 0.76
CA MET A 202 25.87 0.69 0.40
C MET A 202 26.84 0.83 -0.79
N LEU A 203 28.16 0.73 -0.55
CA LEU A 203 29.15 0.97 -1.61
C LEU A 203 29.14 -0.10 -2.73
N GLN A 204 28.73 -1.33 -2.41
CA GLN A 204 28.62 -2.45 -3.34
C GLN A 204 27.37 -2.40 -4.24
N ALA A 205 26.52 -1.37 -4.13
CA ALA A 205 25.32 -1.28 -4.94
C ALA A 205 25.63 -1.02 -6.42
N ASP A 206 24.97 -1.76 -7.31
CA ASP A 206 25.04 -1.51 -8.75
C ASP A 206 23.63 -1.29 -9.32
N PRO A 207 23.27 -0.08 -9.78
CA PRO A 207 21.92 0.18 -10.25
C PRO A 207 21.61 -0.61 -11.52
N ASN A 208 22.63 -0.95 -12.31
CA ASN A 208 22.47 -1.75 -13.53
C ASN A 208 22.07 -3.20 -13.27
N LYS A 209 22.22 -3.68 -12.03
CA LYS A 209 21.82 -5.05 -11.64
C LYS A 209 20.30 -5.06 -11.40
N VAL A 210 19.73 -3.98 -10.86
CA VAL A 210 18.29 -3.94 -10.50
C VAL A 210 17.49 -4.20 -11.79
N SER A 211 16.45 -5.02 -11.74
CA SER A 211 15.64 -5.40 -12.93
C SER A 211 14.80 -4.20 -13.38
N ALA A 212 14.48 -4.12 -14.68
CA ALA A 212 13.71 -2.99 -15.25
C ALA A 212 12.32 -2.95 -14.61
N ARG A 213 11.70 -4.11 -14.35
CA ARG A 213 10.36 -4.18 -13.70
C ARG A 213 10.47 -3.60 -12.29
N ALA A 214 11.54 -3.88 -11.56
CA ALA A 214 11.77 -3.35 -10.20
C ALA A 214 11.88 -1.83 -10.27
N LYS A 215 12.60 -1.31 -11.27
CA LYS A 215 12.76 0.16 -11.49
C LYS A 215 11.40 0.78 -11.83
N LYS A 216 10.57 0.09 -12.63
CA LYS A 216 9.21 0.58 -13.00
C LYS A 216 8.37 0.71 -11.74
N ARG A 217 8.46 -0.28 -10.83
CA ARG A 217 7.74 -0.24 -9.53
C ARG A 217 8.30 0.90 -8.68
N GLY A 218 9.61 1.12 -8.71
CA GLY A 218 10.29 2.16 -7.91
C GLY A 218 9.96 3.59 -8.30
N LEU A 219 9.90 3.94 -9.58
CA LEU A 219 9.74 5.37 -9.94
C LEU A 219 8.58 6.03 -9.19
N PRO A 220 7.34 5.47 -9.12
CA PRO A 220 6.22 6.19 -8.54
C PRO A 220 6.10 6.04 -7.02
N GLN A 221 6.61 4.93 -6.48
CA GLN A 221 6.48 4.59 -5.06
C GLN A 221 7.42 5.39 -4.15
N LEU A 222 8.44 6.05 -4.70
CA LEU A 222 9.37 6.81 -3.89
C LEU A 222 8.68 7.98 -3.22
N GLY A 223 8.89 8.13 -1.91
CA GLY A 223 8.21 9.09 -1.05
C GLY A 223 6.83 8.67 -0.58
N THR A 224 6.58 7.38 -0.40
CA THR A 224 5.29 6.85 0.08
C THR A 224 5.50 5.77 1.14
N LEU A 225 4.73 5.75 2.23
CA LEU A 225 4.90 4.71 3.27
C LEU A 225 4.45 3.33 2.79
N GLY A 226 3.32 3.25 2.08
CA GLY A 226 2.70 1.98 1.68
C GLY A 226 1.70 1.43 2.70
N ALA A 227 1.15 0.24 2.44
CA ALA A 227 0.36 -0.53 3.39
C ALA A 227 1.24 -1.44 4.26
N GLY A 228 0.62 -2.30 5.07
CA GLY A 228 1.30 -3.17 6.02
C GLY A 228 1.86 -2.42 7.22
N ASN A 229 2.88 -2.98 7.86
CA ASN A 229 3.54 -2.39 9.02
C ASN A 229 4.38 -1.17 8.68
N HIS A 230 4.44 -0.70 7.44
CA HIS A 230 5.05 0.58 7.14
C HIS A 230 4.14 1.73 7.62
N TYR A 231 4.61 2.55 8.55
CA TYR A 231 3.85 3.66 9.13
C TYR A 231 4.81 4.77 9.56
N ALA A 232 4.31 5.99 9.70
CA ALA A 232 4.99 7.00 10.50
C ALA A 232 4.16 7.29 11.75
N GLU A 233 4.76 7.36 12.94
CA GLU A 233 4.01 7.60 14.17
C GLU A 233 4.66 8.65 15.05
N ILE A 234 3.84 9.54 15.60
CA ILE A 234 4.27 10.53 16.57
C ILE A 234 4.15 9.91 17.95
N GLN A 235 5.19 10.09 18.75
CA GLN A 235 5.38 9.50 20.05
C GLN A 235 5.91 10.52 21.08
N VAL A 236 5.76 10.19 22.34
CA VAL A 236 6.27 10.98 23.47
C VAL A 236 7.06 10.08 24.41
N VAL A 237 8.13 10.60 25.00
CA VAL A 237 8.98 9.80 25.87
C VAL A 237 8.27 9.48 27.17
N ASP A 238 8.14 8.20 27.50
CA ASP A 238 7.57 7.75 28.76
C ASP A 238 8.60 7.70 29.88
N GLU A 239 9.71 6.99 29.67
CA GLU A 239 10.69 6.69 30.71
C GLU A 239 12.10 6.75 30.14
N ILE A 240 13.07 7.01 31.02
CA ILE A 240 14.48 7.07 30.70
C ILE A 240 15.21 6.10 31.64
N PHE A 241 15.57 4.93 31.14
CA PHE A 241 16.33 3.92 31.88
C PHE A 241 17.83 4.20 31.94
N ASN A 242 18.38 4.92 30.95
CA ASN A 242 19.78 5.31 30.94
C ASN A 242 19.87 6.81 30.63
N GLU A 243 19.96 7.62 31.68
CA GLU A 243 19.95 9.08 31.54
C GLU A 243 21.13 9.58 30.73
N TYR A 244 22.30 8.95 30.85
CA TYR A 244 23.47 9.32 30.07
C TYR A 244 23.22 9.10 28.58
N ALA A 245 22.63 7.96 28.20
CA ALA A 245 22.28 7.72 26.82
C ALA A 245 21.26 8.74 26.33
N ALA A 246 20.21 9.00 27.10
CA ALA A 246 19.19 9.99 26.75
C ALA A 246 19.80 11.38 26.49
N LYS A 247 20.66 11.85 27.39
CA LYS A 247 21.40 13.10 27.24
C LYS A 247 22.25 13.10 25.99
N LYS A 248 22.88 11.97 25.67
CA LYS A 248 23.71 11.83 24.46
C LYS A 248 22.88 11.95 23.18
N MET A 249 21.66 11.39 23.16
CA MET A 249 20.77 11.45 22.01
C MET A 249 19.79 12.64 22.00
N GLY A 250 19.76 13.45 23.05
CA GLY A 250 18.95 14.66 23.14
C GLY A 250 17.53 14.47 23.68
N ILE A 251 17.28 13.36 24.38
CA ILE A 251 16.10 13.19 25.22
C ILE A 251 16.46 13.67 26.62
N ASP A 252 16.09 14.88 26.99
CA ASP A 252 16.44 15.46 28.29
C ASP A 252 15.41 15.15 29.40
N HIS A 253 14.14 15.01 29.05
CA HIS A 253 13.05 14.82 30.01
C HIS A 253 11.90 14.03 29.39
N LYS A 254 11.14 13.32 30.23
CA LYS A 254 9.94 12.61 29.78
C LYS A 254 8.88 13.58 29.27
N GLY A 255 8.02 13.11 28.38
CA GLY A 255 7.01 13.92 27.68
C GLY A 255 7.55 14.69 26.48
N GLN A 256 8.84 14.57 26.12
CA GLN A 256 9.37 15.15 24.88
C GLN A 256 8.83 14.41 23.65
N VAL A 257 8.50 15.12 22.59
CA VAL A 257 7.94 14.55 21.36
C VAL A 257 9.02 14.02 20.43
N CYS A 258 8.77 12.86 19.83
CA CYS A 258 9.55 12.22 18.78
C CYS A 258 8.65 11.56 17.72
N VAL A 259 9.18 11.20 16.57
CA VAL A 259 8.42 10.52 15.51
C VAL A 259 9.22 9.35 14.94
N MET A 260 8.58 8.20 14.75
CA MET A 260 9.18 7.02 14.12
C MET A 260 8.67 6.86 12.71
N ILE A 261 9.56 6.69 11.75
CA ILE A 261 9.20 6.42 10.36
C ILE A 261 9.62 4.99 10.06
N HIS A 262 8.70 4.04 10.02
CA HIS A 262 8.96 2.66 9.60
C HIS A 262 8.56 2.50 8.14
N SER A 263 9.53 2.22 7.29
CA SER A 263 9.33 2.05 5.86
C SER A 263 10.55 1.35 5.29
N GLY A 264 10.44 0.84 4.07
CA GLY A 264 11.56 0.20 3.39
C GLY A 264 11.48 0.30 1.89
N SER A 265 12.12 -0.64 1.20
CA SER A 265 11.95 -0.76 -0.24
C SER A 265 10.49 -1.10 -0.55
N ARG A 266 9.88 -0.35 -1.46
CA ARG A 266 8.48 -0.49 -1.87
C ARG A 266 8.45 -1.00 -3.30
N GLY A 267 8.02 -2.23 -3.51
CA GLY A 267 7.95 -2.85 -4.84
C GLY A 267 9.34 -3.24 -5.40
N LEU A 268 10.29 -2.30 -5.46
CA LEU A 268 11.62 -2.54 -6.01
C LEU A 268 12.28 -3.72 -5.33
N GLY A 269 12.21 -3.77 -4.01
CA GLY A 269 12.75 -4.84 -3.19
C GLY A 269 12.09 -6.17 -3.52
N HIS A 270 10.76 -6.25 -3.47
CA HIS A 270 10.05 -7.49 -3.74
C HIS A 270 10.33 -8.05 -5.12
N GLN A 271 10.45 -7.16 -6.10
CA GLN A 271 10.81 -7.57 -7.45
C GLN A 271 12.26 -8.05 -7.50
N VAL A 272 13.20 -7.34 -6.88
CA VAL A 272 14.61 -7.76 -6.79
C VAL A 272 14.74 -9.11 -6.09
N ALA A 273 14.06 -9.31 -4.96
CA ALA A 273 14.07 -10.57 -4.25
C ALA A 273 13.47 -11.70 -5.10
N THR A 274 12.32 -11.47 -5.72
CA THR A 274 11.69 -12.52 -6.51
C THR A 274 12.49 -12.81 -7.78
N ASP A 275 13.10 -11.82 -8.42
CA ASP A 275 14.04 -12.04 -9.53
C ASP A 275 15.21 -12.94 -9.10
N ALA A 276 15.74 -12.73 -7.89
CA ALA A 276 16.79 -13.57 -7.36
C ALA A 276 16.33 -15.02 -7.16
N LEU A 277 15.17 -15.26 -6.53
CA LEU A 277 14.71 -16.64 -6.30
C LEU A 277 14.59 -17.43 -7.61
N VAL A 278 14.14 -16.81 -8.69
CA VAL A 278 14.08 -17.47 -10.00
C VAL A 278 15.48 -17.82 -10.53
N ALA A 279 16.44 -16.91 -10.46
CA ALA A 279 17.81 -17.21 -10.90
C ALA A 279 18.47 -18.31 -10.06
N MET A 280 18.26 -18.28 -8.74
CA MET A 280 18.80 -19.28 -7.83
C MET A 280 18.32 -20.70 -8.13
N GLU A 281 17.06 -20.90 -8.51
CA GLU A 281 16.54 -22.24 -8.84
C GLU A 281 17.35 -22.93 -9.93
N LYS A 282 17.80 -22.16 -10.94
CA LYS A 282 18.70 -22.67 -11.99
C LYS A 282 20.06 -23.04 -11.41
N ALA A 283 20.64 -22.14 -10.62
CA ALA A 283 21.98 -22.30 -10.07
C ALA A 283 22.08 -23.43 -9.03
N MET A 284 21.05 -23.68 -8.23
CA MET A 284 21.10 -24.74 -7.20
C MET A 284 21.35 -26.12 -7.79
N LYS A 285 20.75 -26.43 -8.95
CA LYS A 285 21.04 -27.65 -9.71
C LYS A 285 22.42 -27.65 -10.36
N ARG A 286 22.86 -26.50 -10.89
CA ARG A 286 24.18 -26.34 -11.55
C ARG A 286 25.34 -26.55 -10.58
N ASP A 287 25.42 -25.76 -9.51
CA ASP A 287 26.54 -25.79 -8.55
C ASP A 287 26.31 -26.81 -7.42
N LYS A 288 25.28 -27.67 -7.53
CA LYS A 288 24.88 -28.70 -6.58
C LYS A 288 24.67 -28.19 -5.15
N ILE A 289 24.09 -27.01 -5.01
CA ILE A 289 23.67 -26.52 -3.70
C ILE A 289 22.43 -27.30 -3.29
N ILE A 290 22.58 -28.18 -2.31
CA ILE A 290 21.48 -29.01 -1.82
C ILE A 290 20.96 -28.37 -0.54
N VAL A 291 19.65 -28.12 -0.48
CA VAL A 291 18.98 -27.36 0.58
C VAL A 291 17.77 -28.14 1.07
N ASN A 292 17.47 -28.09 2.36
CA ASN A 292 16.41 -28.94 2.93
C ASN A 292 14.99 -28.50 2.54
N ASP A 293 14.77 -27.22 2.23
CA ASP A 293 13.49 -26.65 1.76
C ASP A 293 13.65 -25.94 0.41
N ARG A 294 12.65 -26.07 -0.48
CA ARG A 294 12.68 -25.39 -1.81
C ARG A 294 12.62 -23.88 -1.60
N GLN A 295 11.96 -23.43 -0.54
CA GLN A 295 11.81 -21.98 -0.23
C GLN A 295 13.18 -21.35 0.00
N LEU A 296 14.11 -22.09 0.61
CA LEU A 296 15.46 -21.56 0.93
C LEU A 296 16.29 -21.58 -0.37
N ALA A 297 16.15 -20.58 -1.23
CA ALA A 297 16.96 -20.46 -2.46
C ALA A 297 18.36 -20.08 -2.02
N CYS A 298 19.39 -20.52 -2.76
CA CYS A 298 20.79 -20.29 -2.31
C CYS A 298 21.71 -20.17 -3.52
N ALA A 299 22.68 -19.25 -3.46
CA ALA A 299 23.67 -19.15 -4.54
C ALA A 299 25.06 -18.98 -3.91
N ARG A 300 26.10 -19.55 -4.52
CA ARG A 300 27.47 -19.34 -4.00
C ARG A 300 27.79 -17.85 -4.14
N ILE A 301 28.49 -17.27 -3.14
CA ILE A 301 28.83 -15.82 -3.19
C ILE A 301 29.72 -15.62 -4.43
N ALA A 302 30.64 -16.55 -4.69
CA ALA A 302 31.51 -16.45 -5.88
C ALA A 302 30.68 -16.50 -7.17
N SER A 303 29.61 -17.30 -7.20
CA SER A 303 28.84 -17.45 -8.43
C SER A 303 28.16 -16.14 -8.82
N PRO A 304 27.94 -15.88 -10.12
CA PRO A 304 27.30 -14.65 -10.57
C PRO A 304 25.95 -14.37 -9.90
N GLU A 305 25.16 -15.40 -9.61
CA GLU A 305 23.87 -15.24 -8.94
C GLU A 305 23.99 -14.67 -7.51
N GLY A 306 25.00 -15.10 -6.75
CA GLY A 306 25.23 -14.56 -5.40
C GLY A 306 25.70 -13.11 -5.47
N GLN A 307 26.65 -12.82 -6.36
CA GLN A 307 27.11 -11.45 -6.58
C GLN A 307 25.97 -10.55 -7.06
N ASP A 308 25.13 -11.04 -7.97
CA ASP A 308 24.00 -10.28 -8.48
C ASP A 308 22.99 -9.94 -7.39
N TYR A 309 22.57 -10.89 -6.56
CA TYR A 309 21.64 -10.51 -5.50
C TYR A 309 22.28 -9.56 -4.50
N LEU A 310 23.53 -9.77 -4.10
CA LEU A 310 24.20 -8.84 -3.19
C LEU A 310 24.33 -7.43 -3.79
N LYS A 311 24.56 -7.31 -5.10
CA LYS A 311 24.53 -6.01 -5.79
C LYS A 311 23.14 -5.40 -5.79
N GLY A 312 22.11 -6.21 -6.00
CA GLY A 312 20.72 -5.76 -5.99
C GLY A 312 20.26 -5.31 -4.61
N MET A 313 20.58 -6.09 -3.58
CA MET A 313 20.25 -5.82 -2.18
C MET A 313 20.75 -4.44 -1.79
N ALA A 314 22.01 -4.13 -2.11
CA ALA A 314 22.58 -2.84 -1.81
C ALA A 314 21.86 -1.70 -2.52
N ALA A 315 21.46 -1.87 -3.77
CA ALA A 315 20.70 -0.86 -4.47
C ALA A 315 19.35 -0.63 -3.78
N ALA A 316 18.60 -1.69 -3.50
CA ALA A 316 17.32 -1.55 -2.83
C ALA A 316 17.45 -0.91 -1.45
N GLY A 317 18.57 -1.14 -0.77
CA GLY A 317 18.86 -0.45 0.48
C GLY A 317 19.04 1.06 0.31
N ASN A 318 19.79 1.48 -0.71
CA ASN A 318 19.93 2.89 -1.02
C ASN A 318 18.59 3.54 -1.34
N TYR A 319 17.75 2.82 -2.11
CA TYR A 319 16.38 3.33 -2.45
C TYR A 319 15.57 3.47 -1.16
N ALA A 320 15.60 2.44 -0.30
CA ALA A 320 14.81 2.46 0.95
C ALA A 320 15.25 3.61 1.85
N TRP A 321 16.57 3.83 1.95
CA TRP A 321 17.10 4.93 2.80
C TRP A 321 16.62 6.29 2.26
N VAL A 322 16.60 6.44 0.94
CA VAL A 322 16.10 7.71 0.31
C VAL A 322 14.63 7.88 0.69
N ASN A 323 13.85 6.79 0.68
CA ASN A 323 12.41 6.87 1.02
C ASN A 323 12.26 7.34 2.47
N ARG A 324 13.08 6.81 3.38
CA ARG A 324 13.00 7.20 4.81
C ARG A 324 13.35 8.69 4.96
N SER A 325 14.37 9.16 4.24
CA SER A 325 14.77 10.58 4.29
C SER A 325 13.65 11.48 3.73
N SER A 326 13.00 11.04 2.66
CA SER A 326 11.88 11.82 2.07
C SER A 326 10.75 11.92 3.11
N MET A 327 10.36 10.79 3.70
CA MET A 327 9.33 10.78 4.74
C MET A 327 9.72 11.67 5.93
N THR A 328 11.00 11.73 6.28
CA THR A 328 11.50 12.66 7.29
C THR A 328 11.31 14.11 6.84
N PHE A 329 11.72 14.43 5.62
CA PHE A 329 11.54 15.81 5.08
C PHE A 329 10.08 16.22 5.21
N LEU A 330 9.15 15.35 4.77
CA LEU A 330 7.70 15.68 4.82
C LEU A 330 7.25 15.86 6.27
N THR A 331 7.75 15.02 7.19
CA THR A 331 7.32 15.09 8.61
C THR A 331 7.72 16.45 9.18
N ARG A 332 8.92 16.94 8.86
CA ARG A 332 9.40 18.24 9.39
C ARG A 332 8.48 19.35 8.88
N GLN A 333 8.07 19.29 7.62
CA GLN A 333 7.19 20.34 7.04
C GLN A 333 5.84 20.34 7.78
N ALA A 334 5.30 19.16 8.06
CA ALA A 334 3.97 19.08 8.73
C ALA A 334 4.03 19.71 10.12
N PHE A 335 5.12 19.44 10.86
CA PHE A 335 5.28 20.04 12.22
C PHE A 335 5.47 21.55 12.07
N ALA A 336 6.25 21.98 11.09
CA ALA A 336 6.53 23.40 10.89
C ALA A 336 5.27 24.22 10.62
N LYS A 337 4.31 23.68 9.84
CA LYS A 337 3.04 24.36 9.59
C LYS A 337 2.21 24.43 10.87
N VAL A 338 2.06 23.32 11.58
CA VAL A 338 1.13 23.26 12.74
C VAL A 338 1.63 24.08 13.92
N PHE A 339 2.90 23.99 14.28
CA PHE A 339 3.47 24.77 15.38
C PHE A 339 4.08 26.09 14.91
N ASN A 340 3.79 26.51 13.68
CA ASN A 340 4.03 27.85 13.13
C ASN A 340 5.48 28.37 13.18
N THR A 341 6.49 27.52 13.01
CA THR A 341 7.91 27.99 13.02
C THR A 341 8.88 27.05 12.28
N THR A 342 10.07 27.53 11.94
CA THR A 342 11.11 26.81 11.17
C THR A 342 11.43 25.45 11.77
N PRO A 343 11.62 24.40 10.95
CA PRO A 343 11.79 23.03 11.44
C PRO A 343 12.98 22.86 12.39
N ASP A 344 14.06 23.61 12.15
CA ASP A 344 15.25 23.56 13.01
C ASP A 344 15.02 24.24 14.37
N ASP A 345 14.19 25.29 14.44
CA ASP A 345 13.87 25.93 15.72
C ASP A 345 13.02 25.03 16.62
N LEU A 346 12.29 24.07 16.04
CA LEU A 346 11.62 23.00 16.78
C LEU A 346 12.55 21.82 17.10
N ASP A 347 13.81 21.87 16.67
CA ASP A 347 14.85 20.90 16.99
C ASP A 347 14.64 19.50 16.40
N LEU A 348 14.09 19.40 15.18
CA LEU A 348 13.85 18.11 14.51
C LEU A 348 15.11 17.49 13.89
N HIS A 349 15.97 17.02 14.77
CA HIS A 349 17.17 16.22 14.50
C HIS A 349 16.86 14.72 14.65
N VAL A 350 17.72 13.85 14.16
CA VAL A 350 17.47 12.40 14.14
C VAL A 350 18.31 11.67 15.18
N ILE A 351 17.65 10.89 16.03
CA ILE A 351 18.33 10.05 17.00
C ILE A 351 19.11 8.97 16.29
N TYR A 352 18.45 8.15 15.45
CA TYR A 352 19.14 7.17 14.63
C TYR A 352 18.30 6.67 13.45
N ASP A 353 18.92 5.98 12.50
CA ASP A 353 18.28 5.21 11.42
C ASP A 353 18.90 3.82 11.35
N VAL A 354 18.10 2.75 11.43
CA VAL A 354 18.56 1.37 11.48
C VAL A 354 17.62 0.41 10.76
N SER A 355 18.18 -0.63 10.16
CA SER A 355 17.52 -1.55 9.24
C SER A 355 17.33 -2.93 9.86
N HIS A 356 16.20 -3.59 9.64
CA HIS A 356 15.93 -4.92 10.21
C HIS A 356 15.90 -6.06 9.20
N ASN A 357 15.97 -5.78 7.90
CA ASN A 357 15.98 -6.75 6.80
C ASN A 357 17.07 -6.41 5.80
N ILE A 358 18.33 -6.70 6.12
CA ILE A 358 19.49 -6.59 5.21
C ILE A 358 20.51 -7.68 5.49
N ALA A 359 21.30 -8.02 4.48
CA ALA A 359 22.56 -8.73 4.66
C ALA A 359 23.72 -7.74 4.62
N LYS A 360 24.74 -7.97 5.44
CA LYS A 360 25.94 -7.15 5.41
C LYS A 360 27.19 -7.96 5.66
N VAL A 361 28.27 -7.59 4.98
CA VAL A 361 29.62 -8.07 5.29
C VAL A 361 30.15 -7.31 6.50
N GLU A 362 30.55 -8.03 7.54
CA GLU A 362 31.00 -7.44 8.81
C GLU A 362 32.24 -8.19 9.32
N GLN A 363 33.09 -7.51 10.09
CA GLN A 363 34.25 -8.14 10.73
C GLN A 363 33.87 -8.63 12.12
N HIS A 364 33.96 -9.93 12.32
CA HIS A 364 33.71 -10.60 13.60
C HIS A 364 34.82 -11.61 13.86
N VAL A 365 35.23 -11.74 15.12
CA VAL A 365 36.23 -12.73 15.53
C VAL A 365 35.51 -14.01 15.89
N VAL A 366 35.62 -15.04 15.04
CA VAL A 366 34.97 -16.34 15.20
C VAL A 366 36.01 -17.41 15.48
N ASP A 367 35.78 -18.25 16.48
CA ASP A 367 36.72 -19.32 16.87
C ASP A 367 38.13 -18.77 17.19
N GLY A 368 38.19 -17.56 17.75
CA GLY A 368 39.43 -16.86 18.11
C GLY A 368 40.16 -16.18 16.95
N LYS A 369 39.62 -16.30 15.72
CA LYS A 369 40.28 -15.69 14.52
C LYS A 369 39.28 -14.78 13.78
N GLU A 370 39.66 -13.52 13.54
CA GLU A 370 38.75 -12.56 12.87
C GLU A 370 38.51 -12.99 11.41
N ARG A 371 37.27 -12.96 10.95
CA ARG A 371 36.95 -13.31 9.54
C ARG A 371 35.92 -12.31 8.99
N THR A 372 35.88 -12.13 7.67
CA THR A 372 34.83 -11.26 7.07
C THR A 372 33.62 -12.13 6.76
N LEU A 373 32.51 -11.94 7.49
CA LEU A 373 31.36 -12.81 7.31
C LEU A 373 30.18 -12.04 6.73
N LEU A 374 29.37 -12.69 5.89
CA LEU A 374 28.08 -12.17 5.49
C LEU A 374 27.04 -12.59 6.52
N VAL A 375 26.56 -11.66 7.35
CA VAL A 375 25.48 -11.93 8.31
C VAL A 375 24.15 -11.66 7.63
N HIS A 376 23.46 -12.73 7.30
CA HIS A 376 22.06 -12.71 6.95
C HIS A 376 21.25 -12.51 8.23
N ARG A 377 20.56 -11.37 8.38
CA ARG A 377 19.54 -11.14 9.41
C ARG A 377 18.26 -10.58 8.77
N LYS A 378 17.12 -11.21 9.05
CA LYS A 378 15.77 -10.72 8.73
C LYS A 378 15.00 -10.65 10.05
N GLY A 379 14.24 -9.60 10.28
CA GLY A 379 13.63 -9.35 11.58
C GLY A 379 14.63 -9.00 12.66
N SER A 380 15.89 -8.76 12.29
CA SER A 380 16.95 -8.52 13.30
C SER A 380 17.65 -7.19 13.04
N THR A 381 17.94 -6.43 14.09
CA THR A 381 18.55 -5.08 13.92
C THR A 381 20.00 -5.09 14.41
N ARG A 382 20.88 -4.35 13.71
CA ARG A 382 22.31 -4.26 14.12
C ARG A 382 22.42 -3.60 15.49
N ALA A 383 23.38 -4.03 16.32
CA ALA A 383 23.59 -3.44 17.66
C ALA A 383 25.08 -3.53 18.00
N PHE A 384 25.90 -2.65 17.40
CA PHE A 384 27.34 -2.75 17.60
C PHE A 384 27.81 -2.25 18.99
N PRO A 385 28.93 -2.78 19.51
CA PRO A 385 29.33 -2.60 20.90
C PRO A 385 29.69 -1.13 21.20
N PRO A 386 29.69 -0.71 22.47
CA PRO A 386 29.85 0.67 22.89
C PRO A 386 31.06 1.42 22.32
N HIS A 387 32.17 0.73 22.05
CA HIS A 387 33.40 1.31 21.48
C HIS A 387 33.70 0.83 20.06
N HIS A 388 32.73 0.29 19.33
CA HIS A 388 32.97 -0.12 17.94
C HIS A 388 33.37 1.08 17.06
N PRO A 389 34.38 0.96 16.20
CA PRO A 389 34.90 2.09 15.44
C PRO A 389 33.99 2.61 14.33
N LEU A 390 33.03 1.81 13.85
CA LEU A 390 32.19 2.21 12.71
C LEU A 390 31.03 3.14 13.07
N ILE A 391 30.54 3.10 14.30
CA ILE A 391 29.29 3.75 14.70
C ILE A 391 29.40 5.28 14.82
N ALA A 392 28.27 5.99 14.95
CA ALA A 392 28.25 7.47 15.05
C ALA A 392 29.17 7.95 16.16
N VAL A 393 29.80 9.11 16.00
CA VAL A 393 30.74 9.70 17.01
C VAL A 393 29.97 10.01 18.29
N ASP A 394 28.73 10.50 18.19
CA ASP A 394 27.90 10.85 19.38
C ASP A 394 27.64 9.59 20.21
N TYR A 395 27.37 8.46 19.57
CA TYR A 395 27.03 7.19 20.26
C TYR A 395 28.28 6.31 20.37
N GLN A 396 29.46 6.85 20.06
CA GLN A 396 30.75 6.10 20.13
C GLN A 396 31.06 5.76 21.59
N LEU A 397 30.42 6.40 22.57
CA LEU A 397 30.59 6.06 24.01
C LEU A 397 29.39 5.26 24.51
N THR A 398 28.16 5.74 24.32
CA THR A 398 26.92 5.08 24.83
C THR A 398 26.67 3.74 24.12
N GLY A 399 26.84 3.69 22.79
CA GLY A 399 26.60 2.49 21.97
C GLY A 399 25.55 2.73 20.91
N GLN A 400 25.66 2.07 19.75
CA GLN A 400 24.74 2.29 18.65
C GLN A 400 23.30 2.09 19.13
N PRO A 401 22.40 3.07 18.93
CA PRO A 401 21.01 2.92 19.28
C PRO A 401 20.36 1.80 18.47
N VAL A 402 19.50 1.01 19.09
CA VAL A 402 18.61 0.07 18.42
C VAL A 402 17.21 0.63 18.56
N LEU A 403 16.50 0.85 17.47
CA LEU A 403 15.14 1.35 17.47
C LEU A 403 14.19 0.16 17.31
N ILE A 404 13.32 -0.09 18.29
CA ILE A 404 12.41 -1.22 18.28
C ILE A 404 10.99 -0.73 18.15
N GLY A 405 10.28 -1.15 17.10
CA GLY A 405 8.97 -0.61 16.75
C GLY A 405 7.79 -1.46 17.20
N GLY A 406 6.82 -0.83 17.84
CA GLY A 406 5.54 -1.47 18.20
C GLY A 406 4.47 -1.37 17.10
N THR A 407 3.28 -1.86 17.43
CA THR A 407 2.04 -1.74 16.63
C THR A 407 0.82 -1.66 17.55
N MET A 408 -0.33 -1.25 17.03
CA MET A 408 -1.60 -1.23 17.77
C MET A 408 -1.55 -0.45 19.09
N GLY A 409 -0.77 0.63 19.12
CA GLY A 409 -0.61 1.48 20.30
C GLY A 409 0.29 0.92 21.41
N THR A 410 0.87 -0.27 21.24
CA THR A 410 1.87 -0.81 22.18
C THR A 410 3.13 0.07 22.19
N CYS A 411 3.69 0.33 23.37
CA CYS A 411 4.80 1.28 23.52
C CYS A 411 6.06 0.79 22.79
N SER A 412 6.73 1.66 22.05
CA SER A 412 8.03 1.36 21.44
C SER A 412 9.18 1.57 22.42
N TYR A 413 10.34 0.98 22.15
CA TYR A 413 11.54 1.10 22.99
C TYR A 413 12.76 1.49 22.13
N VAL A 414 13.68 2.25 22.69
CA VAL A 414 14.99 2.57 22.10
C VAL A 414 16.06 1.94 22.97
N LEU A 415 16.91 1.06 22.43
CA LEU A 415 17.93 0.34 23.16
C LEU A 415 19.33 0.78 22.74
N THR A 416 20.38 0.20 23.30
CA THR A 416 21.76 0.37 22.81
C THR A 416 22.54 -0.95 22.79
N GLY A 417 23.55 -1.04 21.92
CA GLY A 417 24.39 -2.23 21.74
C GLY A 417 25.40 -2.51 22.84
N THR A 418 25.75 -3.78 23.06
CA THR A 418 26.55 -4.28 24.20
C THR A 418 27.67 -5.21 23.72
N GLU A 419 28.76 -5.33 24.47
CA GLU A 419 29.85 -6.26 24.12
C GLU A 419 29.42 -7.72 24.20
N GLN A 420 28.65 -8.12 25.20
CA GLN A 420 28.16 -9.49 25.27
C GLN A 420 27.33 -9.83 24.02
N GLY A 421 26.44 -8.93 23.58
CA GLY A 421 25.69 -9.13 22.35
C GLY A 421 26.57 -9.22 21.10
N MET A 422 27.65 -8.44 21.02
CA MET A 422 28.62 -8.55 19.94
C MET A 422 29.27 -9.94 19.91
N THR A 423 29.76 -10.42 21.05
CA THR A 423 30.41 -11.73 21.12
C THR A 423 29.47 -12.90 20.87
N GLU A 424 28.22 -12.82 21.33
CA GLU A 424 27.28 -13.93 21.25
C GLU A 424 26.45 -13.94 19.96
N THR A 425 25.90 -12.78 19.58
CA THR A 425 24.90 -12.65 18.51
C THR A 425 25.44 -11.87 17.31
N PHE A 426 26.74 -11.61 17.25
CA PHE A 426 27.34 -10.69 16.27
C PHE A 426 26.63 -9.33 16.24
N GLY A 427 26.24 -8.83 17.41
CA GLY A 427 25.58 -7.54 17.53
C GLY A 427 24.21 -7.57 16.87
N THR A 428 23.42 -8.62 17.11
CA THR A 428 22.08 -8.77 16.56
C THR A 428 21.04 -8.73 17.67
N THR A 429 19.98 -7.95 17.51
CA THR A 429 18.91 -7.77 18.50
C THR A 429 17.55 -7.84 17.83
N CYS A 430 16.48 -7.90 18.62
CA CYS A 430 15.11 -7.89 18.11
C CYS A 430 14.80 -6.71 17.17
N HIS A 431 13.74 -6.79 16.39
CA HIS A 431 13.17 -5.64 15.69
C HIS A 431 11.84 -5.20 16.30
N GLY A 432 10.94 -6.13 16.64
CA GLY A 432 9.62 -5.77 17.18
C GLY A 432 8.76 -6.97 17.49
N ALA A 433 7.59 -6.77 18.11
CA ALA A 433 6.65 -7.85 18.49
C ALA A 433 5.97 -8.45 17.26
N GLY A 434 5.61 -9.73 17.31
CA GLY A 434 4.85 -10.36 16.21
C GLY A 434 3.49 -9.70 16.10
N ARG A 435 3.01 -9.45 14.87
CA ARG A 435 1.71 -8.75 14.64
C ARG A 435 0.56 -9.62 15.17
N TYR A 478 1.30 -11.86 19.98
CA TYR A 478 1.09 -12.51 21.28
C TYR A 478 2.37 -12.51 22.13
N LYS A 479 3.53 -12.38 21.47
CA LYS A 479 4.84 -12.07 22.08
C LYS A 479 5.03 -10.56 22.09
N ASN A 480 4.70 -9.90 23.21
CA ASN A 480 4.67 -8.44 23.35
C ASN A 480 6.04 -7.79 23.07
N VAL A 481 6.02 -6.52 22.66
CA VAL A 481 7.25 -5.72 22.49
C VAL A 481 8.03 -5.77 23.79
N THR A 482 7.35 -5.55 24.92
CA THR A 482 7.92 -5.57 26.27
C THR A 482 8.59 -6.89 26.64
N ASP A 483 7.97 -8.03 26.33
CA ASP A 483 8.62 -9.31 26.63
C ASP A 483 9.91 -9.41 25.82
N VAL A 484 9.82 -9.22 24.52
CA VAL A 484 10.94 -9.32 23.60
C VAL A 484 12.10 -8.43 24.02
N VAL A 485 11.85 -7.16 24.33
CA VAL A 485 12.95 -6.27 24.72
C VAL A 485 13.50 -6.62 26.09
N ASN A 486 12.65 -6.97 27.06
CA ASN A 486 13.15 -7.39 28.36
C ASN A 486 14.09 -8.58 28.21
N THR A 487 13.78 -9.59 27.38
CA THR A 487 14.78 -10.65 27.19
C THR A 487 16.06 -10.13 26.56
N CYS A 488 16.02 -9.30 25.51
CA CYS A 488 17.27 -8.88 24.88
C CYS A 488 18.19 -8.13 25.87
N HIS A 489 17.57 -7.39 26.80
CA HIS A 489 18.29 -6.75 27.90
C HIS A 489 18.75 -7.74 28.96
N ASP A 490 17.90 -8.68 29.37
CA ASP A 490 18.22 -9.69 30.37
C ASP A 490 19.33 -10.66 29.93
N ALA A 491 19.38 -10.97 28.64
CA ALA A 491 20.47 -11.75 28.04
C ALA A 491 21.71 -10.90 27.71
N GLY A 492 21.67 -9.59 27.95
CA GLY A 492 22.82 -8.71 27.77
C GLY A 492 23.18 -8.46 26.32
N ILE A 493 22.27 -8.64 25.36
CA ILE A 493 22.49 -8.32 23.94
C ILE A 493 21.99 -6.89 23.59
N SER A 494 21.32 -6.20 24.51
CA SER A 494 20.88 -4.80 24.37
C SER A 494 20.77 -4.11 25.76
N LYS A 495 20.73 -2.78 25.81
CA LYS A 495 20.61 -2.01 27.08
C LYS A 495 19.54 -0.93 26.93
N LYS A 496 18.34 -1.15 27.46
CA LYS A 496 17.20 -0.20 27.26
C LYS A 496 17.67 1.20 27.67
N ALA A 497 17.47 2.21 26.82
CA ALA A 497 17.89 3.61 27.09
C ALA A 497 16.68 4.55 27.20
N ILE A 498 15.62 4.32 26.43
CA ILE A 498 14.42 5.21 26.41
C ILE A 498 13.18 4.32 26.24
N LYS A 499 11.98 4.83 26.52
CA LYS A 499 10.70 4.13 26.25
C LYS A 499 9.85 5.20 25.58
N LEU A 500 8.90 4.85 24.70
CA LEU A 500 8.11 5.88 23.96
C LEU A 500 6.69 5.38 23.73
N ARG A 501 5.69 6.25 23.86
CA ARG A 501 4.28 5.85 23.66
C ARG A 501 3.70 6.58 22.44
N PRO A 502 3.14 5.87 21.44
CA PRO A 502 2.53 6.52 20.28
C PRO A 502 1.25 7.30 20.61
N ILE A 503 1.05 8.44 19.95
CA ILE A 503 -0.20 9.25 20.15
C ILE A 503 -0.90 9.41 18.82
N ALA A 504 -0.14 9.58 17.73
CA ALA A 504 -0.74 9.69 16.40
C ALA A 504 -0.07 8.70 15.45
N VAL A 505 -0.85 7.92 14.71
CA VAL A 505 -0.33 6.93 13.75
C VAL A 505 -0.76 7.31 12.35
N ILE A 506 0.22 7.58 11.48
CA ILE A 506 0.03 7.83 10.06
C ILE A 506 0.36 6.55 9.32
N LYS A 507 -0.59 5.62 9.35
CA LYS A 507 -0.66 4.42 8.50
C LYS A 507 -1.33 4.75 7.16
N GLY A 508 -1.42 3.75 6.29
CA GLY A 508 -2.37 3.73 5.18
C GLY A 508 -3.78 3.28 5.56
N GLY B 13 -0.85 23.47 -33.33
CA GLY B 13 0.34 24.15 -32.77
C GLY B 13 0.46 23.91 -31.27
N LYS B 14 -0.24 24.71 -30.46
CA LYS B 14 -0.23 24.53 -28.98
C LYS B 14 -0.95 23.23 -28.63
N PHE B 15 -0.45 22.50 -27.63
CA PHE B 15 -1.14 21.26 -27.17
C PHE B 15 -2.45 21.66 -26.48
N VAL B 16 -3.52 20.90 -26.72
CA VAL B 16 -4.85 21.23 -26.14
C VAL B 16 -5.39 20.03 -25.35
N VAL B 17 -5.93 20.26 -24.15
CA VAL B 17 -6.53 19.15 -23.34
C VAL B 17 -7.98 19.54 -23.02
N VAL B 18 -8.94 18.63 -23.25
CA VAL B 18 -10.36 18.96 -23.05
C VAL B 18 -10.89 18.32 -21.79
N GLY B 19 -11.30 19.16 -20.83
CA GLY B 19 -11.93 18.81 -19.58
C GLY B 19 -11.14 19.31 -18.38
N GLY B 20 -11.83 19.93 -17.43
CA GLY B 20 -11.28 20.21 -16.10
C GLY B 20 -11.39 19.02 -15.14
N GLY B 21 -11.77 17.85 -15.65
CA GLY B 21 -11.74 16.63 -14.87
C GLY B 21 -10.33 16.19 -14.53
N ILE B 22 -10.22 15.25 -13.60
CA ILE B 22 -8.93 14.80 -13.05
C ILE B 22 -8.00 14.39 -14.18
N ALA B 23 -8.49 13.63 -15.15
CA ALA B 23 -7.72 13.25 -16.31
C ALA B 23 -7.19 14.45 -17.09
N GLY B 24 -8.02 15.45 -17.39
CA GLY B 24 -7.59 16.61 -18.16
C GLY B 24 -6.60 17.47 -17.40
N VAL B 25 -6.87 17.81 -16.14
CA VAL B 25 -5.95 18.63 -15.38
C VAL B 25 -4.63 17.89 -15.13
N THR B 26 -4.66 16.60 -14.81
CA THR B 26 -3.41 15.86 -14.58
C THR B 26 -2.64 15.67 -15.88
N CYS B 27 -3.32 15.46 -17.00
CA CYS B 27 -2.66 15.41 -18.31
C CYS B 27 -2.01 16.76 -18.61
N ALA B 28 -2.74 17.87 -18.47
CA ALA B 28 -2.21 19.19 -18.73
C ALA B 28 -1.03 19.54 -17.82
N GLU B 29 -1.11 19.23 -16.53
CA GLU B 29 -0.01 19.44 -15.58
C GLU B 29 1.25 18.70 -16.00
N GLN B 30 1.13 17.39 -16.28
CA GLN B 30 2.30 16.62 -16.64
C GLN B 30 2.87 17.08 -17.98
N LEU B 31 2.01 17.36 -18.97
CA LEU B 31 2.44 17.80 -20.28
C LEU B 31 3.16 19.16 -20.20
N ALA B 32 2.67 20.07 -19.36
CA ALA B 32 3.33 21.35 -19.10
C ALA B 32 4.71 21.18 -18.46
N THR B 33 4.85 20.19 -17.60
CA THR B 33 6.15 19.87 -16.98
C THR B 33 7.12 19.30 -18.02
N HIS B 34 6.63 18.48 -18.96
CA HIS B 34 7.48 17.93 -20.02
C HIS B 34 7.91 18.93 -21.07
N PHE B 35 7.18 20.02 -21.29
CA PHE B 35 7.56 21.04 -22.27
C PHE B 35 7.36 22.47 -21.75
N PRO B 36 8.19 22.92 -20.79
CA PRO B 36 7.99 24.19 -20.10
C PRO B 36 8.14 25.43 -20.99
N SER B 37 8.72 25.28 -22.18
CA SER B 37 8.90 26.36 -23.14
C SER B 37 7.70 26.58 -24.07
N GLU B 38 6.74 25.66 -24.12
CA GLU B 38 5.52 25.78 -24.93
C GLU B 38 4.27 25.80 -24.04
N ASP B 39 3.21 26.45 -24.52
CA ASP B 39 1.94 26.53 -23.79
C ASP B 39 0.99 25.37 -24.06
N ILE B 40 0.21 24.99 -23.04
CA ILE B 40 -0.86 24.00 -23.13
C ILE B 40 -2.18 24.69 -22.79
N LEU B 41 -3.26 24.37 -23.51
CA LEU B 41 -4.58 24.96 -23.28
C LEU B 41 -5.53 23.91 -22.70
N LEU B 42 -6.05 24.13 -21.50
CA LEU B 42 -7.09 23.28 -20.91
C LEU B 42 -8.45 23.92 -21.20
N VAL B 43 -9.10 23.49 -22.28
CA VAL B 43 -10.49 23.87 -22.63
C VAL B 43 -11.43 23.11 -21.70
N THR B 44 -12.49 23.75 -21.22
CA THR B 44 -13.33 23.20 -20.15
C THR B 44 -14.62 23.99 -20.00
N ALA B 45 -15.70 23.34 -19.59
CA ALA B 45 -16.95 23.99 -19.19
C ALA B 45 -17.57 23.33 -17.94
N LYS B 77 -0.88 30.52 -12.08
CA LYS B 77 -0.99 29.37 -11.17
C LYS B 77 0.36 28.71 -10.92
N ARG B 78 0.37 27.50 -10.34
CA ARG B 78 1.57 26.67 -10.14
C ARG B 78 2.34 26.40 -11.45
N PHE B 79 1.61 26.37 -12.57
CA PHE B 79 2.17 26.34 -13.92
C PHE B 79 1.48 27.36 -14.81
N PRO B 80 1.95 28.61 -14.87
CA PRO B 80 1.39 29.61 -15.79
C PRO B 80 1.49 29.18 -17.27
N ASN B 81 2.31 28.18 -17.57
CA ASN B 81 2.38 27.52 -18.87
C ASN B 81 1.04 26.92 -19.33
N ILE B 82 0.15 26.58 -18.39
CA ILE B 82 -1.19 26.09 -18.73
C ILE B 82 -2.18 27.23 -18.58
N LYS B 83 -2.87 27.58 -19.67
CA LYS B 83 -3.98 28.54 -19.66
C LYS B 83 -5.30 27.78 -19.68
N VAL B 84 -6.38 28.42 -19.24
CA VAL B 84 -7.73 27.83 -19.20
C VAL B 84 -8.66 28.62 -20.10
N ILE B 85 -9.40 27.95 -20.99
CA ILE B 85 -10.32 28.64 -21.92
C ILE B 85 -11.72 28.88 -21.32
N GLU B 86 -12.13 28.00 -20.39
CA GLU B 86 -13.44 28.16 -19.69
C GLU B 86 -14.61 28.11 -20.68
N SER B 87 -14.55 27.25 -21.70
CA SER B 87 -15.70 27.07 -22.62
C SER B 87 -15.81 25.62 -23.09
N GLY B 88 -16.99 25.19 -23.53
CA GLY B 88 -17.20 23.79 -23.95
C GLY B 88 -17.22 23.66 -25.46
N VAL B 89 -16.42 22.74 -26.02
CA VAL B 89 -16.34 22.56 -27.49
C VAL B 89 -17.64 21.94 -28.01
N LYS B 90 -18.01 22.24 -29.25
CA LYS B 90 -19.24 21.66 -29.86
C LYS B 90 -18.83 20.62 -30.91
N GLN B 91 -17.71 20.84 -31.62
CA GLN B 91 -17.31 19.94 -32.70
C GLN B 91 -15.78 19.87 -32.76
N LEU B 92 -15.23 18.65 -32.66
CA LEU B 92 -13.89 18.39 -33.17
C LEU B 92 -13.98 18.37 -34.71
N LYS B 93 -12.96 18.87 -35.40
CA LYS B 93 -12.83 18.79 -36.86
C LYS B 93 -11.50 18.12 -37.19
N SER B 94 -11.54 16.79 -37.27
CA SER B 94 -10.33 15.96 -37.24
C SER B 94 -9.51 16.05 -38.52
N GLU B 95 -10.17 16.33 -39.65
CA GLU B 95 -9.55 16.51 -40.96
C GLU B 95 -8.79 17.83 -41.03
N GLU B 96 -9.38 18.90 -40.48
CA GLU B 96 -8.76 20.23 -40.44
C GLU B 96 -7.93 20.47 -39.18
N HIS B 97 -7.80 19.48 -38.30
CA HIS B 97 -7.07 19.59 -37.02
C HIS B 97 -7.55 20.74 -36.13
N CYS B 98 -8.87 20.96 -36.07
CA CYS B 98 -9.47 22.09 -35.38
C CYS B 98 -10.48 21.69 -34.29
N ILE B 99 -10.65 22.57 -33.30
CA ILE B 99 -11.71 22.50 -32.28
C ILE B 99 -12.42 23.87 -32.27
N VAL B 100 -13.76 23.91 -32.15
CA VAL B 100 -14.52 25.15 -31.91
C VAL B 100 -15.36 25.01 -30.63
N THR B 101 -15.27 26.00 -29.74
CA THR B 101 -16.03 26.01 -28.49
C THR B 101 -17.35 26.78 -28.59
N GLU B 102 -18.15 26.78 -27.53
CA GLU B 102 -19.36 27.60 -27.42
C GLU B 102 -19.09 29.12 -27.58
N ASP B 103 -17.86 29.59 -27.43
CA ASP B 103 -17.49 30.98 -27.72
C ASP B 103 -17.44 31.30 -29.23
N GLY B 104 -17.42 30.28 -30.09
CA GLY B 104 -17.08 30.42 -31.50
C GLY B 104 -15.57 30.54 -31.78
N ASN B 105 -14.73 30.51 -30.76
CA ASN B 105 -13.27 30.49 -30.92
C ASN B 105 -12.82 29.18 -31.56
N GLN B 106 -11.95 29.26 -32.57
CA GLN B 106 -11.35 28.12 -33.26
C GLN B 106 -9.89 27.92 -32.84
N HIS B 107 -9.51 26.68 -32.55
CA HIS B 107 -8.20 26.29 -32.04
C HIS B 107 -7.58 25.18 -32.89
N VAL B 108 -6.26 25.23 -33.13
CA VAL B 108 -5.52 24.25 -33.93
C VAL B 108 -4.57 23.43 -33.05
N TYR B 109 -4.73 22.11 -33.02
CA TYR B 109 -4.00 21.25 -32.07
C TYR B 109 -2.87 20.46 -32.74
N LYS B 110 -1.66 20.47 -32.17
CA LYS B 110 -0.60 19.50 -32.52
C LYS B 110 -0.88 18.14 -31.92
N LYS B 111 -1.41 18.13 -30.69
CA LYS B 111 -1.94 16.98 -29.96
C LYS B 111 -3.17 17.44 -29.20
N LEU B 112 -4.18 16.58 -29.12
CA LEU B 112 -5.38 16.84 -28.36
C LEU B 112 -5.74 15.63 -27.52
N CYS B 113 -5.93 15.83 -26.21
CA CYS B 113 -6.39 14.78 -25.30
C CYS B 113 -7.85 15.04 -24.97
N LEU B 114 -8.72 14.10 -25.30
CA LEU B 114 -10.14 14.19 -24.99
C LEU B 114 -10.41 13.54 -23.65
N CYS B 115 -10.93 14.32 -22.71
CA CYS B 115 -11.26 13.89 -21.36
C CYS B 115 -12.60 14.47 -20.88
N ALA B 116 -13.59 14.54 -21.77
CA ALA B 116 -14.91 15.13 -21.50
C ALA B 116 -15.73 14.43 -20.41
N GLY B 117 -15.21 13.35 -19.82
CA GLY B 117 -15.87 12.63 -18.76
C GLY B 117 -17.11 11.95 -19.31
N ALA B 118 -18.16 11.91 -18.53
CA ALA B 118 -19.33 11.13 -18.88
C ALA B 118 -20.60 11.69 -18.21
N LYS B 119 -21.68 11.68 -18.98
CA LYS B 119 -23.00 12.12 -18.52
C LYS B 119 -23.57 11.09 -17.55
N PRO B 120 -24.36 11.50 -16.55
CA PRO B 120 -25.20 10.56 -15.84
C PRO B 120 -26.23 10.02 -16.82
N LYS B 121 -26.26 8.70 -16.97
CA LYS B 121 -27.43 8.03 -17.55
C LYS B 121 -28.57 8.15 -16.55
N LEU B 122 -29.82 8.22 -17.02
CA LEU B 122 -31.01 8.43 -16.20
C LEU B 122 -32.08 7.40 -16.57
N ILE B 123 -32.95 7.02 -15.65
CA ILE B 123 -34.06 6.12 -16.00
C ILE B 123 -35.01 6.80 -17.00
N CYS B 124 -35.24 8.10 -16.85
CA CYS B 124 -36.05 8.90 -17.76
C CYS B 124 -35.65 10.37 -17.70
N GLU B 125 -34.89 10.87 -18.68
CA GLU B 125 -34.57 12.30 -18.69
C GLU B 125 -35.83 13.18 -18.90
N GLY B 126 -35.76 14.42 -18.43
CA GLY B 126 -36.80 15.43 -18.61
C GLY B 126 -37.79 15.55 -17.45
N ASN B 127 -37.92 14.53 -16.60
CA ASN B 127 -38.80 14.60 -15.43
C ASN B 127 -38.16 15.42 -14.29
N PRO B 128 -38.88 16.35 -13.65
CA PRO B 128 -38.28 17.20 -12.60
C PRO B 128 -37.98 16.41 -11.32
N TYR B 129 -38.66 15.29 -11.10
CA TYR B 129 -38.45 14.45 -9.92
C TYR B 129 -37.30 13.44 -10.03
N VAL B 130 -36.64 13.28 -11.18
CA VAL B 130 -35.42 12.44 -11.25
C VAL B 130 -34.16 13.27 -10.98
N LEU B 131 -33.23 12.70 -10.23
CA LEU B 131 -31.90 13.27 -10.00
C LEU B 131 -30.82 12.21 -10.23
N GLY B 132 -29.69 12.65 -10.78
CA GLY B 132 -28.46 11.87 -10.87
C GLY B 132 -27.27 12.79 -10.66
N ILE B 133 -26.33 12.39 -9.81
CA ILE B 133 -25.21 13.25 -9.42
C ILE B 133 -24.14 13.25 -10.51
N ARG B 134 -23.60 14.43 -10.83
CA ARG B 134 -22.65 14.65 -11.94
C ARG B 134 -21.54 15.62 -11.56
N ASP B 135 -21.95 16.72 -10.94
CA ASP B 135 -21.13 17.92 -10.75
C ASP B 135 -21.56 18.65 -9.46
N THR B 136 -20.75 19.53 -8.91
CA THR B 136 -21.02 20.19 -7.63
C THR B 136 -22.35 20.96 -7.63
N ASP B 137 -22.74 21.54 -8.77
CA ASP B 137 -24.05 22.16 -8.95
C ASP B 137 -25.19 21.15 -8.71
N SER B 138 -25.06 19.94 -9.24
CA SER B 138 -26.03 18.87 -8.99
C SER B 138 -26.00 18.38 -7.54
N ALA B 139 -24.84 18.42 -6.88
CA ALA B 139 -24.75 18.07 -5.47
C ALA B 139 -25.45 19.12 -4.58
N GLN B 140 -25.32 20.41 -4.89
CA GLN B 140 -26.10 21.46 -4.21
C GLN B 140 -27.60 21.28 -4.47
N GLU B 141 -28.01 21.00 -5.71
CA GLU B 141 -29.43 20.75 -6.01
C GLU B 141 -29.95 19.57 -5.19
N PHE B 142 -29.17 18.50 -5.12
CA PHE B 142 -29.50 17.35 -4.29
C PHE B 142 -29.60 17.74 -2.82
N GLN B 143 -28.63 18.48 -2.28
CA GLN B 143 -28.68 19.04 -0.93
C GLN B 143 -30.00 19.78 -0.65
N LYS B 144 -30.39 20.69 -1.54
CA LYS B 144 -31.58 21.52 -1.39
C LYS B 144 -32.85 20.68 -1.36
N GLN B 145 -32.99 19.79 -2.33
CA GLN B 145 -34.16 18.91 -2.41
C GLN B 145 -34.21 18.01 -1.17
N LEU B 146 -33.08 17.41 -0.81
CA LEU B 146 -32.96 16.49 0.31
C LEU B 146 -33.27 17.15 1.66
N THR B 147 -32.74 18.36 1.89
CA THR B 147 -32.98 19.15 3.11
C THR B 147 -34.43 19.57 3.31
N LYS B 148 -35.31 19.34 2.33
CA LYS B 148 -36.75 19.66 2.42
C LYS B 148 -37.68 18.45 2.38
N ALA B 149 -37.17 17.22 2.33
CA ALA B 149 -37.98 16.06 1.94
C ALA B 149 -37.78 14.79 2.77
N LYS B 150 -38.66 13.82 2.54
CA LYS B 150 -38.71 12.46 3.12
C LYS B 150 -39.02 11.43 2.02
N ARG B 151 -39.05 10.14 2.35
CA ARG B 151 -39.49 9.06 1.44
C ARG B 151 -38.82 9.15 0.06
N ILE B 152 -37.50 9.08 0.00
CA ILE B 152 -36.73 9.21 -1.24
C ILE B 152 -36.31 7.85 -1.75
N MET B 153 -36.53 7.59 -3.02
CA MET B 153 -36.14 6.33 -3.63
C MET B 153 -34.81 6.47 -4.37
N ILE B 154 -33.98 5.44 -4.30
CA ILE B 154 -32.72 5.35 -5.03
C ILE B 154 -32.77 4.11 -5.91
N ILE B 155 -32.42 4.25 -7.17
CA ILE B 155 -32.42 3.16 -8.14
C ILE B 155 -31.00 2.97 -8.68
N GLY B 156 -30.43 1.78 -8.51
CA GLY B 156 -29.03 1.47 -8.84
C GLY B 156 -28.33 0.72 -7.70
N ASN B 157 -27.47 -0.24 -8.03
CA ASN B 157 -26.58 -0.91 -7.07
C ASN B 157 -25.11 -0.52 -7.27
N GLY B 158 -24.86 0.61 -7.95
CA GLY B 158 -23.53 1.14 -8.23
C GLY B 158 -22.98 2.09 -7.17
N GLY B 159 -21.77 2.60 -7.40
CA GLY B 159 -21.02 3.39 -6.42
C GLY B 159 -21.75 4.61 -5.88
N ILE B 160 -22.47 5.37 -6.73
CA ILE B 160 -23.19 6.53 -6.22
C ILE B 160 -24.24 6.11 -5.19
N ALA B 161 -25.04 5.09 -5.47
CA ALA B 161 -26.04 4.61 -4.53
C ALA B 161 -25.41 4.04 -3.25
N LEU B 162 -24.28 3.35 -3.38
CA LEU B 162 -23.58 2.75 -2.24
C LEU B 162 -23.10 3.80 -1.25
N GLU B 163 -22.68 4.97 -1.72
CA GLU B 163 -22.34 6.08 -0.84
C GLU B 163 -23.61 6.71 -0.25
N LEU B 164 -24.58 7.05 -1.11
CA LEU B 164 -25.75 7.80 -0.66
C LEU B 164 -26.53 7.07 0.42
N VAL B 165 -26.75 5.76 0.34
CA VAL B 165 -27.49 5.04 1.37
C VAL B 165 -26.82 5.11 2.75
N TYR B 166 -25.49 5.31 2.82
CA TYR B 166 -24.81 5.52 4.09
C TYR B 166 -24.71 7.01 4.45
N GLU B 167 -24.55 7.90 3.48
CA GLU B 167 -24.45 9.33 3.79
C GLU B 167 -25.77 9.95 4.25
N ILE B 168 -26.91 9.64 3.64
CA ILE B 168 -28.16 10.29 3.99
C ILE B 168 -28.82 9.63 5.21
N GLU B 169 -29.41 10.44 6.07
CA GLU B 169 -30.21 10.01 7.23
C GLU B 169 -31.40 10.96 7.38
N GLY B 170 -32.48 10.51 8.02
CA GLY B 170 -33.69 11.33 8.19
C GLY B 170 -34.63 11.37 6.98
N CYS B 171 -34.41 10.50 5.99
CA CYS B 171 -35.38 10.16 4.95
C CYS B 171 -35.56 8.64 4.93
N GLU B 172 -36.75 8.14 4.64
CA GLU B 172 -36.95 6.74 4.31
C GLU B 172 -36.33 6.48 2.94
N VAL B 173 -35.40 5.53 2.86
CA VAL B 173 -34.76 5.19 1.59
C VAL B 173 -35.37 3.91 1.08
N ILE B 174 -36.06 4.01 -0.05
CA ILE B 174 -36.49 2.83 -0.80
C ILE B 174 -35.38 2.55 -1.78
N TRP B 175 -34.83 1.35 -1.73
CA TRP B 175 -33.77 0.92 -2.62
C TRP B 175 -34.30 -0.15 -3.56
N ALA B 176 -34.19 0.04 -4.87
CA ALA B 176 -34.54 -1.01 -5.83
C ALA B 176 -33.35 -1.23 -6.76
N ILE B 177 -32.97 -2.49 -6.95
CA ILE B 177 -31.77 -2.88 -7.69
C ILE B 177 -32.11 -3.98 -8.69
N LYS B 178 -31.54 -3.90 -9.90
CA LYS B 178 -31.78 -4.87 -10.98
C LYS B 178 -31.15 -6.25 -10.73
N ASP B 179 -30.18 -6.31 -9.82
CA ASP B 179 -29.45 -7.52 -9.43
C ASP B 179 -29.96 -8.18 -8.14
N LYS B 180 -29.47 -9.38 -7.83
CA LYS B 180 -29.94 -10.16 -6.67
C LYS B 180 -29.47 -9.60 -5.33
N ALA B 181 -28.32 -8.95 -5.29
CA ALA B 181 -27.73 -8.41 -4.06
C ALA B 181 -26.92 -7.14 -4.33
N ILE B 182 -26.67 -6.39 -3.26
CA ILE B 182 -26.02 -5.08 -3.27
C ILE B 182 -24.63 -5.14 -3.92
N GLY B 183 -24.24 -4.10 -4.65
CA GLY B 183 -22.85 -3.90 -5.02
C GLY B 183 -22.32 -4.86 -6.09
N ASN B 184 -23.17 -5.44 -6.93
CA ASN B 184 -22.76 -6.42 -7.95
C ASN B 184 -21.59 -5.94 -8.82
N THR B 185 -21.46 -4.63 -9.05
CA THR B 185 -20.33 -4.05 -9.76
C THR B 185 -19.00 -4.19 -9.01
N PHE B 186 -18.98 -4.03 -7.69
CA PHE B 186 -17.74 -3.97 -6.90
C PHE B 186 -17.56 -5.14 -5.94
N PHE B 187 -18.55 -6.01 -5.75
CA PHE B 187 -18.54 -7.04 -4.71
C PHE B 187 -19.16 -8.35 -5.17
N ASP B 188 -18.78 -9.44 -4.53
CA ASP B 188 -19.42 -10.73 -4.66
C ASP B 188 -20.63 -10.87 -3.76
N ALA B 189 -21.36 -11.97 -3.89
CA ALA B 189 -22.46 -12.29 -2.99
C ALA B 189 -22.04 -12.32 -1.50
N GLY B 190 -20.91 -12.96 -1.19
CA GLY B 190 -20.38 -12.99 0.18
C GLY B 190 -19.97 -11.61 0.69
N ALA B 191 -19.46 -10.75 -0.18
CA ALA B 191 -19.12 -9.38 0.17
C ALA B 191 -20.38 -8.56 0.49
N ALA B 192 -21.45 -8.74 -0.31
CA ALA B 192 -22.73 -8.08 -0.05
C ALA B 192 -23.27 -8.45 1.34
N GLU B 193 -23.18 -9.72 1.74
CA GLU B 193 -23.69 -10.11 3.06
C GLU B 193 -22.93 -9.48 4.22
N PHE B 194 -21.62 -9.24 4.08
CA PHE B 194 -20.86 -8.54 5.11
C PHE B 194 -21.25 -7.06 5.15
N LEU B 195 -21.19 -6.34 4.03
CA LEU B 195 -21.51 -4.91 4.02
C LEU B 195 -23.00 -4.63 4.27
N THR B 196 -23.93 -5.46 3.81
CA THR B 196 -25.35 -5.24 4.07
C THR B 196 -25.70 -5.42 5.54
N SER B 197 -25.03 -6.31 6.27
CA SER B 197 -25.27 -6.43 7.71
C SER B 197 -24.85 -5.16 8.46
N LYS B 198 -23.92 -4.38 7.91
CA LYS B 198 -23.56 -3.06 8.43
C LYS B 198 -24.65 -2.01 8.19
N LEU B 199 -25.42 -2.13 7.11
CA LEU B 199 -26.50 -1.18 6.77
C LEU B 199 -27.58 -1.10 7.86
N ILE B 200 -27.84 -2.21 8.56
CA ILE B 200 -28.82 -2.27 9.66
C ILE B 200 -28.41 -1.37 10.84
N ALA B 201 -27.11 -1.22 11.10
CA ALA B 201 -26.58 -0.41 12.21
C ALA B 201 -26.59 1.09 11.90
N GLU B 202 -26.62 1.91 12.95
CA GLU B 202 -26.63 3.37 12.83
C GLU B 202 -25.34 3.96 12.25
N LYS B 203 -25.44 5.13 11.59
CA LYS B 203 -24.31 5.93 11.12
C LYS B 203 -23.30 6.20 12.26
N SER B 204 -22.00 6.10 11.97
CA SER B 204 -20.92 6.50 12.87
C SER B 204 -20.92 8.00 13.17
N GLY B 234 -15.54 23.97 -12.55
CA GLY B 234 -16.75 23.17 -12.81
C GLY B 234 -16.41 21.70 -13.01
N SER B 235 -15.35 21.22 -12.36
CA SER B 235 -14.93 19.80 -12.48
C SER B 235 -15.94 18.89 -11.77
N ALA B 236 -16.09 17.65 -12.25
CA ALA B 236 -16.98 16.68 -11.57
C ALA B 236 -16.41 16.28 -10.22
N LEU B 237 -17.26 15.93 -9.26
CA LEU B 237 -16.81 15.60 -7.88
C LEU B 237 -15.88 14.37 -7.93
N GLY B 238 -14.80 14.37 -7.13
CA GLY B 238 -13.81 13.28 -7.18
C GLY B 238 -14.07 12.16 -6.19
N PRO B 239 -13.11 11.77 -5.31
CA PRO B 239 -13.31 10.63 -4.43
C PRO B 239 -14.32 10.91 -3.31
N ASP B 240 -14.50 12.16 -2.86
CA ASP B 240 -15.25 12.45 -1.62
C ASP B 240 -16.04 13.77 -1.55
N TRP B 241 -16.87 14.05 -2.55
CA TRP B 241 -17.79 15.19 -2.50
C TRP B 241 -18.72 15.19 -1.25
N HIS B 242 -19.03 14.02 -0.69
CA HIS B 242 -19.94 13.86 0.45
C HIS B 242 -19.49 14.55 1.74
N GLU B 243 -18.20 14.91 1.88
CA GLU B 243 -17.75 15.70 3.02
C GLU B 243 -18.16 17.19 2.91
N GLY B 244 -18.27 17.74 1.70
CA GLY B 244 -18.43 19.18 1.48
C GLY B 244 -19.87 19.70 1.57
N LEU B 245 -20.82 18.84 1.95
CA LEU B 245 -22.22 19.18 2.15
C LEU B 245 -22.78 18.43 3.37
N ASN B 246 -23.83 18.95 3.97
CA ASN B 246 -24.55 18.28 5.06
C ASN B 246 -25.88 17.75 4.52
N LEU B 247 -26.14 16.46 4.71
CA LEU B 247 -27.27 15.74 4.11
C LEU B 247 -28.16 15.11 5.20
N LYS B 248 -28.99 15.93 5.85
CA LYS B 248 -29.97 15.49 6.85
C LYS B 248 -31.40 15.72 6.35
N GLY B 249 -32.20 14.66 6.34
CA GLY B 249 -33.64 14.71 6.03
C GLY B 249 -34.50 15.19 7.19
N THR B 250 -35.75 15.59 6.91
CA THR B 250 -36.67 16.16 7.93
C THR B 250 -37.07 15.16 9.03
N LYS B 251 -37.20 13.86 8.73
CA LYS B 251 -37.67 12.84 9.72
C LYS B 251 -36.68 12.75 10.89
N GLU B 252 -35.38 12.79 10.62
CA GLU B 252 -34.29 12.67 11.65
C GLU B 252 -34.19 11.24 12.18
N PHE B 253 -34.78 10.23 11.52
CA PHE B 253 -34.66 8.80 11.89
C PHE B 253 -33.46 8.21 11.12
N SER B 254 -32.37 7.84 11.79
CA SER B 254 -31.12 7.37 11.13
C SER B 254 -31.27 5.99 10.49
N HIS B 255 -30.79 5.79 9.25
CA HIS B 255 -30.80 4.46 8.56
C HIS B 255 -32.10 3.65 8.62
N LYS B 256 -33.25 4.22 8.26
CA LYS B 256 -34.50 3.42 8.06
C LYS B 256 -34.50 3.14 6.56
N ILE B 257 -34.27 1.90 6.10
CA ILE B 257 -34.10 1.58 4.64
C ILE B 257 -34.79 0.27 4.26
N HIS B 258 -35.28 0.13 3.00
CA HIS B 258 -35.81 -1.14 2.48
C HIS B 258 -35.21 -1.42 1.11
N LEU B 259 -34.84 -2.67 0.85
CA LEU B 259 -34.27 -3.10 -0.43
C LEU B 259 -35.25 -4.00 -1.19
N GLU B 260 -35.51 -3.67 -2.44
CA GLU B 260 -36.31 -4.44 -3.39
C GLU B 260 -35.37 -5.04 -4.46
N THR B 261 -35.24 -6.36 -4.47
CA THR B 261 -34.34 -7.08 -5.39
C THR B 261 -34.98 -7.34 -6.73
N MET B 262 -34.16 -7.48 -7.77
CA MET B 262 -34.57 -7.77 -9.16
C MET B 262 -35.51 -6.74 -9.81
N CYS B 263 -35.77 -5.61 -9.15
CA CYS B 263 -36.75 -4.64 -9.60
C CYS B 263 -36.15 -3.62 -10.57
N GLU B 264 -36.98 -3.10 -11.46
CA GLU B 264 -36.68 -1.99 -12.37
C GLU B 264 -37.87 -1.03 -12.42
N VAL B 265 -37.65 0.23 -12.76
CA VAL B 265 -38.75 1.19 -12.96
C VAL B 265 -39.52 0.83 -14.22
N LYS B 266 -40.80 0.46 -14.06
CA LYS B 266 -41.73 0.22 -15.18
C LYS B 266 -42.06 1.54 -15.87
N LYS B 267 -42.60 2.48 -15.09
CA LYS B 267 -42.95 3.85 -15.49
C LYS B 267 -42.93 4.79 -14.29
N ILE B 268 -42.81 6.09 -14.57
CA ILE B 268 -42.95 7.16 -13.58
C ILE B 268 -44.32 7.82 -13.79
N TYR B 269 -45.15 7.83 -12.77
CA TYR B 269 -46.48 8.46 -12.77
C TYR B 269 -46.48 9.69 -11.86
N LEU B 270 -46.74 10.87 -12.42
CA LEU B 270 -46.99 12.06 -11.62
C LEU B 270 -48.31 11.91 -10.83
N GLN B 271 -48.45 12.70 -9.76
CA GLN B 271 -49.67 12.61 -8.91
C GLN B 271 -50.93 12.66 -9.78
N ASP B 272 -50.95 13.52 -10.80
CA ASP B 272 -52.17 13.68 -11.65
C ASP B 272 -52.49 12.36 -12.36
N GLU B 273 -51.46 11.69 -12.90
CA GLU B 273 -51.67 10.41 -13.62
C GLU B 273 -52.22 9.37 -12.63
N PHE B 274 -51.69 9.36 -11.40
CA PHE B 274 -52.16 8.39 -10.38
C PHE B 274 -53.63 8.64 -10.06
N ARG B 275 -54.02 9.92 -9.96
CA ARG B 275 -55.44 10.27 -9.63
C ARG B 275 -56.36 9.76 -10.75
N ILE B 276 -55.93 9.90 -12.00
CA ILE B 276 -56.77 9.47 -13.16
C ILE B 276 -56.93 7.94 -13.13
N LEU B 277 -55.81 7.21 -13.09
CA LEU B 277 -55.86 5.74 -13.13
C LEU B 277 -56.44 5.09 -11.86
N LYS B 278 -56.55 5.84 -10.74
CA LYS B 278 -57.08 5.35 -9.45
C LYS B 278 -56.37 4.11 -8.87
N LYS B 279 -55.11 3.87 -9.25
CA LYS B 279 -54.24 2.84 -8.65
C LYS B 279 -53.91 3.22 -7.20
N LYS B 280 -53.57 2.23 -6.36
CA LYS B 280 -53.21 2.41 -4.95
C LYS B 280 -51.71 2.26 -4.74
N SER B 281 -51.06 3.20 -4.08
CA SER B 281 -49.64 3.09 -3.71
C SER B 281 -49.48 1.95 -2.70
N PHE B 282 -48.40 1.17 -2.77
CA PHE B 282 -48.09 0.19 -1.74
C PHE B 282 -47.82 0.92 -0.41
N THR B 283 -48.17 0.28 0.70
CA THR B 283 -47.93 0.84 2.05
C THR B 283 -46.42 1.09 2.28
N PHE B 284 -46.06 2.00 3.19
CA PHE B 284 -44.65 2.27 3.44
C PHE B 284 -43.92 0.97 3.85
N PRO B 285 -42.73 0.68 3.29
CA PRO B 285 -41.99 -0.52 3.67
C PRO B 285 -41.69 -0.53 5.16
N ARG B 286 -41.97 -1.65 5.82
CA ARG B 286 -41.85 -1.80 7.29
C ARG B 286 -41.32 -3.18 7.67
N ASP B 287 -40.86 -3.31 8.91
CA ASP B 287 -40.51 -4.57 9.55
C ASP B 287 -41.72 -5.49 9.76
N GLU B 296 -50.50 8.59 2.69
CA GLU B 296 -50.19 9.99 2.39
C GLU B 296 -49.98 10.27 0.90
N MET B 297 -50.43 11.44 0.44
CA MET B 297 -50.39 11.84 -0.97
C MET B 297 -49.03 12.46 -1.33
N TRP B 298 -48.12 11.66 -1.86
CA TRP B 298 -46.83 12.12 -2.39
C TRP B 298 -46.92 12.77 -3.79
N PRO B 299 -45.96 13.63 -4.17
CA PRO B 299 -45.94 14.31 -5.47
C PRO B 299 -45.78 13.41 -6.70
N VAL B 300 -45.05 12.30 -6.56
CA VAL B 300 -44.78 11.42 -7.74
C VAL B 300 -44.80 9.95 -7.28
N TYR B 301 -45.36 9.06 -8.11
CA TYR B 301 -45.43 7.61 -7.77
C TYR B 301 -44.72 6.81 -8.85
N VAL B 302 -43.83 5.88 -8.45
CA VAL B 302 -43.04 5.10 -9.45
C VAL B 302 -43.41 3.62 -9.34
N GLU B 303 -43.71 2.97 -10.46
CA GLU B 303 -44.12 1.54 -10.46
C GLU B 303 -42.91 0.65 -10.70
N LEU B 304 -42.78 -0.44 -9.94
CA LEU B 304 -41.68 -1.39 -10.14
C LEU B 304 -42.08 -2.46 -11.17
N THR B 305 -41.11 -3.24 -11.65
CA THR B 305 -41.39 -4.43 -12.47
C THR B 305 -42.13 -5.52 -11.69
N ASN B 306 -42.11 -5.50 -10.35
CA ASN B 306 -42.99 -6.31 -9.52
C ASN B 306 -44.37 -5.67 -9.32
N GLU B 307 -45.25 -6.31 -8.54
CA GLU B 307 -46.60 -5.82 -8.27
C GLU B 307 -46.68 -4.64 -7.28
N LYS B 308 -45.58 -4.29 -6.61
CA LYS B 308 -45.54 -3.18 -5.65
C LYS B 308 -45.18 -1.86 -6.33
N ILE B 309 -45.99 -0.84 -6.10
CA ILE B 309 -45.82 0.54 -6.58
C ILE B 309 -45.53 1.46 -5.41
N TYR B 310 -44.56 2.37 -5.49
CA TYR B 310 -44.21 3.25 -4.38
C TYR B 310 -44.15 4.72 -4.80
N GLY B 311 -44.58 5.62 -3.92
CA GLY B 311 -44.36 7.05 -4.10
C GLY B 311 -43.13 7.60 -3.40
N CYS B 312 -42.70 8.79 -3.83
CA CYS B 312 -41.55 9.50 -3.27
C CYS B 312 -41.72 11.02 -3.45
N ASP B 313 -40.95 11.82 -2.72
CA ASP B 313 -40.89 13.26 -2.99
C ASP B 313 -39.95 13.61 -4.14
N PHE B 314 -38.92 12.80 -4.37
CA PHE B 314 -38.15 12.72 -5.61
C PHE B 314 -37.38 11.40 -5.65
N ILE B 315 -36.81 11.05 -6.80
CA ILE B 315 -36.12 9.78 -7.02
C ILE B 315 -34.70 9.99 -7.55
N VAL B 316 -33.75 9.29 -6.95
CA VAL B 316 -32.34 9.33 -7.31
C VAL B 316 -32.04 8.15 -8.21
N SER B 317 -31.81 8.39 -9.49
CA SER B 317 -31.42 7.35 -10.43
C SER B 317 -29.91 7.40 -10.60
N ALA B 318 -29.20 6.41 -10.07
CA ALA B 318 -27.77 6.27 -10.32
C ALA B 318 -27.54 5.83 -11.78
N THR B 319 -28.11 4.68 -12.15
CA THR B 319 -28.23 4.15 -13.52
C THR B 319 -26.89 3.96 -14.25
N GLY B 320 -25.75 4.05 -13.58
CA GLY B 320 -24.46 4.09 -14.24
C GLY B 320 -24.23 5.41 -14.96
N VAL B 321 -23.21 5.44 -15.82
CA VAL B 321 -22.74 6.67 -16.48
C VAL B 321 -22.35 6.37 -17.92
N THR B 322 -22.66 7.25 -18.88
CA THR B 322 -22.32 7.05 -20.30
C THR B 322 -21.28 8.07 -20.74
N PRO B 323 -20.19 7.64 -21.40
CA PRO B 323 -19.16 8.54 -21.93
C PRO B 323 -19.72 9.70 -22.75
N ASN B 324 -19.19 10.91 -22.60
CA ASN B 324 -19.65 12.09 -23.34
C ASN B 324 -19.13 12.11 -24.78
N VAL B 325 -19.42 11.07 -25.56
CA VAL B 325 -18.94 10.96 -26.95
C VAL B 325 -19.78 11.78 -27.94
N GLU B 326 -21.05 12.03 -27.63
CA GLU B 326 -22.03 12.70 -28.50
C GLU B 326 -21.54 14.01 -29.15
N PRO B 327 -20.97 14.98 -28.44
CA PRO B 327 -20.51 16.23 -29.05
C PRO B 327 -19.23 16.06 -29.87
N PHE B 328 -18.50 14.96 -29.72
CA PHE B 328 -17.27 14.73 -30.48
C PHE B 328 -17.46 13.81 -31.69
N LEU B 329 -18.38 12.85 -31.60
CA LEU B 329 -18.57 11.85 -32.65
C LEU B 329 -19.12 12.47 -33.94
N HIS B 330 -19.87 13.56 -33.85
CA HIS B 330 -20.42 14.22 -35.02
C HIS B 330 -19.31 14.65 -35.98
N GLY B 331 -19.41 14.22 -37.24
CA GLY B 331 -18.51 14.63 -38.31
C GLY B 331 -17.16 13.92 -38.40
N ASN B 332 -16.76 13.08 -37.44
CA ASN B 332 -15.52 12.29 -37.52
C ASN B 332 -15.71 10.84 -37.07
N SER B 333 -15.13 9.89 -37.80
CA SER B 333 -15.44 8.46 -37.69
C SER B 333 -14.66 7.72 -36.62
N PHE B 334 -14.70 8.19 -35.38
CA PHE B 334 -14.08 7.51 -34.25
C PHE B 334 -14.58 6.06 -34.07
N ASP B 335 -13.67 5.15 -33.74
CA ASP B 335 -14.03 3.79 -33.38
C ASP B 335 -14.50 3.73 -31.92
N LEU B 336 -15.72 3.28 -31.67
CA LEU B 336 -16.34 3.30 -30.35
C LEU B 336 -16.44 1.89 -29.75
N GLY B 337 -16.14 1.75 -28.45
CA GLY B 337 -16.26 0.47 -27.74
C GLY B 337 -17.69 0.08 -27.43
N GLU B 338 -17.89 -1.12 -26.89
CA GLU B 338 -19.22 -1.61 -26.49
C GLU B 338 -19.84 -0.79 -25.35
N ASP B 339 -19.00 -0.17 -24.52
CA ASP B 339 -19.37 0.83 -23.51
C ASP B 339 -19.53 2.25 -24.08
N GLY B 340 -19.39 2.43 -25.39
CA GLY B 340 -19.59 3.70 -26.09
C GLY B 340 -18.43 4.70 -25.97
N GLY B 341 -17.37 4.35 -25.26
CA GLY B 341 -16.16 5.19 -25.17
C GLY B 341 -15.38 5.23 -26.48
N LEU B 342 -14.53 6.23 -26.66
CA LEU B 342 -13.56 6.25 -27.75
C LEU B 342 -12.55 5.11 -27.54
N LYS B 343 -12.43 4.16 -28.47
CA LYS B 343 -11.42 3.10 -28.34
C LYS B 343 -10.03 3.72 -28.35
N VAL B 344 -9.18 3.30 -27.42
CA VAL B 344 -7.78 3.72 -27.35
C VAL B 344 -6.84 2.53 -27.39
N ASP B 345 -5.72 2.70 -28.10
CA ASP B 345 -4.63 1.72 -28.19
C ASP B 345 -3.75 1.70 -26.94
N ASP B 346 -2.70 0.90 -26.96
CA ASP B 346 -1.75 0.81 -25.86
C ASP B 346 -1.03 2.14 -25.62
N HIS B 347 -0.79 2.94 -26.66
CA HIS B 347 -0.31 4.33 -26.54
C HIS B 347 -1.44 5.36 -26.49
N MET B 348 -2.64 4.93 -26.10
CA MET B 348 -3.84 5.74 -25.90
C MET B 348 -4.40 6.45 -27.14
N HIS B 349 -3.96 6.10 -28.35
CA HIS B 349 -4.41 6.74 -29.57
C HIS B 349 -5.84 6.33 -29.94
N THR B 350 -6.69 7.27 -30.38
CA THR B 350 -8.15 7.04 -30.52
C THR B 350 -8.58 6.46 -31.86
N SER B 351 -7.68 5.86 -32.62
CA SER B 351 -7.91 5.45 -34.03
C SER B 351 -8.17 6.59 -35.02
N LEU B 352 -8.08 7.85 -34.59
CA LEU B 352 -7.89 8.99 -35.50
C LEU B 352 -6.50 9.60 -35.29
N PRO B 353 -5.84 10.07 -36.36
CA PRO B 353 -4.50 10.61 -36.29
C PRO B 353 -4.37 11.78 -35.30
N ASP B 354 -3.30 11.79 -34.50
CA ASP B 354 -2.95 12.86 -33.56
C ASP B 354 -3.89 13.06 -32.35
N ILE B 355 -4.94 12.25 -32.17
CA ILE B 355 -5.93 12.47 -31.10
C ILE B 355 -5.91 11.33 -30.08
N TYR B 356 -5.75 11.70 -28.80
CA TYR B 356 -5.65 10.80 -27.66
C TYR B 356 -6.86 10.98 -26.73
N ALA B 357 -7.11 10.05 -25.81
CA ALA B 357 -8.17 10.19 -24.83
C ALA B 357 -7.79 9.54 -23.50
N ALA B 358 -8.39 10.01 -22.41
CA ALA B 358 -8.13 9.47 -21.08
C ALA B 358 -9.30 9.72 -20.12
N GLY B 359 -9.45 8.91 -19.09
CA GLY B 359 -10.60 8.98 -18.19
C GLY B 359 -11.87 8.39 -18.82
N ASP B 360 -13.04 8.71 -18.29
CA ASP B 360 -14.28 7.96 -18.58
C ASP B 360 -14.65 7.90 -20.05
N ILE B 361 -14.26 8.90 -20.83
CA ILE B 361 -14.53 8.97 -22.26
C ILE B 361 -13.81 7.86 -23.04
N CYS B 362 -12.62 7.45 -22.63
CA CYS B 362 -11.85 6.45 -23.36
C CYS B 362 -12.32 5.03 -23.00
N THR B 363 -12.07 4.06 -23.88
CA THR B 363 -12.25 2.64 -23.57
C THR B 363 -11.04 1.83 -24.04
N THR B 364 -10.52 1.01 -23.13
CA THR B 364 -9.24 0.31 -23.27
C THR B 364 -9.36 -0.88 -24.22
N SER B 365 -8.71 -0.80 -25.38
CA SER B 365 -8.79 -1.83 -26.42
C SER B 365 -7.50 -2.64 -26.62
N TRP B 366 -6.38 -2.23 -26.02
CA TRP B 366 -5.09 -2.92 -26.06
C TRP B 366 -5.14 -4.24 -25.30
N GLN B 367 -4.16 -5.12 -25.50
CA GLN B 367 -4.17 -6.46 -24.91
C GLN B 367 -4.00 -6.41 -23.38
N LEU B 368 -5.09 -6.58 -22.65
CA LEU B 368 -5.10 -6.44 -21.21
C LEU B 368 -4.25 -7.53 -20.54
N SER B 369 -3.47 -7.17 -19.52
CA SER B 369 -2.79 -8.16 -18.69
C SER B 369 -3.82 -8.95 -17.87
N PRO B 370 -3.52 -10.18 -17.42
CA PRO B 370 -4.50 -11.05 -16.79
C PRO B 370 -5.18 -10.48 -15.54
N VAL B 371 -4.51 -9.55 -14.85
CA VAL B 371 -4.95 -8.98 -13.57
C VAL B 371 -5.27 -7.49 -13.65
N TRP B 372 -5.56 -6.96 -14.84
CA TRP B 372 -6.05 -5.59 -15.01
C TRP B 372 -7.38 -5.52 -15.74
N GLN B 373 -8.14 -4.49 -15.45
CA GLN B 373 -9.44 -4.18 -16.03
C GLN B 373 -9.70 -2.69 -15.88
N GLN B 374 -10.55 -2.14 -16.76
CA GLN B 374 -10.81 -0.68 -16.76
C GLN B 374 -12.18 -0.35 -16.17
N MET B 375 -12.20 0.25 -14.98
CA MET B 375 -13.50 0.71 -14.38
C MET B 375 -13.38 2.22 -14.17
N ARG B 376 -14.38 3.00 -14.62
CA ARG B 376 -14.26 4.47 -14.52
C ARG B 376 -14.09 4.84 -13.05
N LEU B 377 -13.10 5.69 -12.72
CA LEU B 377 -12.82 6.04 -11.30
C LEU B 377 -11.86 7.22 -11.27
N TRP B 378 -11.50 7.68 -10.07
CA TRP B 378 -10.56 8.79 -9.91
C TRP B 378 -9.11 8.30 -10.07
N THR B 379 -8.77 7.17 -9.47
CA THR B 379 -7.44 6.57 -9.56
C THR B 379 -7.07 6.21 -11.01
N GLN B 380 -7.92 5.48 -11.74
CA GLN B 380 -7.62 5.14 -13.13
C GLN B 380 -7.55 6.37 -14.02
N ALA B 381 -8.41 7.36 -13.81
CA ALA B 381 -8.37 8.58 -14.59
C ALA B 381 -7.05 9.32 -14.40
N ARG B 382 -6.58 9.43 -13.16
CA ARG B 382 -5.31 10.08 -12.82
C ARG B 382 -4.15 9.38 -13.55
N GLN B 383 -4.13 8.05 -13.49
CA GLN B 383 -3.12 7.24 -14.13
C GLN B 383 -3.18 7.36 -15.66
N MET B 384 -4.36 7.30 -16.26
CA MET B 384 -4.52 7.43 -17.69
C MET B 384 -4.10 8.82 -18.18
N GLY B 385 -4.44 9.88 -17.47
CA GLY B 385 -4.02 11.22 -17.87
C GLY B 385 -2.51 11.37 -17.84
N TRP B 386 -1.84 10.76 -16.85
CA TRP B 386 -0.40 10.74 -16.77
C TRP B 386 0.20 10.02 -17.96
N TYR B 387 -0.30 8.81 -18.23
CA TYR B 387 0.22 7.99 -19.31
C TYR B 387 -0.01 8.65 -20.67
N ALA B 388 -1.16 9.29 -20.88
CA ALA B 388 -1.43 10.02 -22.11
C ALA B 388 -0.43 11.16 -22.30
N ALA B 389 -0.16 11.94 -21.25
CA ALA B 389 0.84 12.99 -21.35
C ALA B 389 2.22 12.41 -21.68
N LYS B 390 2.61 11.31 -21.03
CA LYS B 390 3.88 10.65 -21.35
C LYS B 390 3.91 10.20 -22.81
N CYS B 391 2.85 9.58 -23.30
CA CYS B 391 2.78 9.10 -24.67
C CYS B 391 2.79 10.24 -25.70
N MET B 392 2.07 11.33 -25.43
CA MET B 392 2.12 12.52 -26.27
C MET B 392 3.54 13.08 -26.32
N ALA B 393 4.21 13.17 -25.17
CA ALA B 393 5.59 13.63 -25.13
C ALA B 393 6.52 12.70 -25.91
N ALA B 394 6.30 11.39 -25.84
CA ALA B 394 7.05 10.41 -26.60
C ALA B 394 6.92 10.66 -28.11
N ALA B 395 5.70 10.84 -28.62
CA ALA B 395 5.51 11.07 -30.05
C ALA B 395 6.18 12.37 -30.54
N SER B 396 6.17 13.45 -29.75
CA SER B 396 6.87 14.69 -30.14
C SER B 396 8.39 14.56 -30.10
N SER B 397 8.93 13.81 -29.14
CA SER B 397 10.37 13.51 -29.09
C SER B 397 10.79 12.41 -30.07
N GLY B 398 9.84 11.72 -30.69
CA GLY B 398 10.07 10.54 -31.54
C GLY B 398 10.56 9.31 -30.77
N ASP B 399 10.69 9.40 -29.45
CA ASP B 399 11.19 8.32 -28.61
C ASP B 399 10.12 7.24 -28.38
N SER B 400 10.52 6.03 -28.02
CA SER B 400 9.60 4.94 -27.67
C SER B 400 9.49 4.83 -26.16
N ILE B 401 8.26 4.74 -25.63
CA ILE B 401 8.00 4.61 -24.20
C ILE B 401 7.13 3.38 -23.95
N ASP B 402 7.53 2.62 -22.94
CA ASP B 402 6.81 1.42 -22.48
C ASP B 402 5.62 1.77 -21.59
N MET B 403 4.70 0.81 -21.44
CA MET B 403 3.50 0.99 -20.63
C MET B 403 3.81 1.10 -19.14
N ASP B 404 3.11 1.99 -18.44
CA ASP B 404 3.30 2.27 -17.02
C ASP B 404 2.81 1.14 -16.12
N PHE B 405 3.49 0.92 -14.99
CA PHE B 405 3.18 -0.22 -14.13
C PHE B 405 1.78 -0.14 -13.52
N SER B 406 1.15 1.02 -13.44
CA SER B 406 -0.22 1.13 -12.93
C SER B 406 -1.25 0.32 -13.75
N PHE B 407 -0.95 0.01 -15.00
CA PHE B 407 -1.79 -0.87 -15.83
C PHE B 407 -1.44 -2.35 -15.69
N GLU B 408 -0.49 -2.72 -14.85
CA GLU B 408 -0.11 -4.12 -14.63
C GLU B 408 -1.08 -4.83 -13.69
N LEU B 409 -1.54 -4.16 -12.63
CA LEU B 409 -2.53 -4.67 -11.67
C LEU B 409 -3.57 -3.61 -11.34
N PHE B 410 -4.85 -3.97 -11.42
CA PHE B 410 -5.95 -3.17 -10.87
C PHE B 410 -5.91 -3.23 -9.35
N ALA B 411 -5.94 -2.07 -8.68
CA ALA B 411 -6.30 -2.00 -7.28
C ALA B 411 -7.12 -0.74 -7.03
N HIS B 412 -8.21 -0.86 -6.29
CA HIS B 412 -9.00 0.27 -5.82
C HIS B 412 -9.17 0.14 -4.32
N VAL B 413 -8.74 1.15 -3.57
CA VAL B 413 -8.92 1.25 -2.12
C VAL B 413 -9.88 2.38 -1.85
N THR B 414 -10.96 2.09 -1.14
CA THR B 414 -12.11 2.99 -1.05
C THR B 414 -12.93 2.70 0.19
N LYS B 415 -13.90 3.54 0.52
CA LYS B 415 -14.78 3.35 1.69
C LYS B 415 -16.22 3.11 1.26
N PHE B 416 -16.88 2.12 1.86
CA PHE B 416 -18.31 1.80 1.63
C PHE B 416 -18.88 1.33 2.98
N PHE B 417 -19.93 1.99 3.50
CA PHE B 417 -20.52 1.66 4.83
C PHE B 417 -19.46 1.82 5.92
N ASN B 418 -18.58 2.81 5.81
CA ASN B 418 -17.54 3.10 6.83
C ASN B 418 -16.57 1.91 6.95
N TYR B 419 -16.39 1.13 5.88
CA TYR B 419 -15.45 -0.03 5.84
C TYR B 419 -14.48 0.14 4.68
N LYS B 420 -13.18 -0.01 4.91
CA LYS B 420 -12.16 0.07 3.82
C LYS B 420 -12.48 -1.09 2.85
N VAL B 421 -12.35 -0.89 1.54
CA VAL B 421 -12.63 -1.93 0.52
C VAL B 421 -11.49 -1.91 -0.50
N VAL B 422 -10.52 -2.83 -0.37
CA VAL B 422 -9.41 -2.92 -1.36
C VAL B 422 -9.67 -4.12 -2.26
N LEU B 423 -9.94 -3.90 -3.55
CA LEU B 423 -10.25 -4.97 -4.52
C LEU B 423 -9.02 -5.11 -5.42
N LEU B 424 -8.31 -6.25 -5.40
CA LEU B 424 -7.04 -6.42 -6.15
C LEU B 424 -7.22 -7.40 -7.31
N GLY B 425 -6.71 -7.07 -8.49
CA GLY B 425 -6.75 -7.97 -9.67
C GLY B 425 -8.18 -8.33 -10.03
N LYS B 426 -8.43 -9.59 -10.37
CA LYS B 426 -9.80 -10.08 -10.68
C LYS B 426 -10.46 -10.37 -9.35
N TYR B 427 -10.95 -9.32 -8.67
CA TYR B 427 -11.56 -9.41 -7.32
C TYR B 427 -12.81 -10.29 -7.35
N ASN B 428 -13.65 -10.20 -8.39
CA ASN B 428 -14.89 -11.00 -8.54
C ASN B 428 -14.60 -12.18 -9.49
N ALA B 429 -13.32 -12.51 -9.72
CA ALA B 429 -12.90 -13.62 -10.60
C ALA B 429 -13.39 -13.37 -12.04
N GLN B 430 -13.39 -12.12 -12.47
CA GLN B 430 -13.93 -11.75 -13.82
C GLN B 430 -12.92 -12.13 -14.90
N GLY B 431 -13.36 -12.87 -15.92
CA GLY B 431 -12.48 -13.24 -17.05
C GLY B 431 -11.72 -14.52 -16.76
N LEU B 432 -11.79 -15.02 -15.52
CA LEU B 432 -11.15 -16.32 -15.19
C LEU B 432 -11.96 -17.45 -15.86
N GLY B 433 -13.24 -17.19 -16.13
CA GLY B 433 -14.12 -18.21 -16.74
C GLY B 433 -14.26 -19.42 -15.84
N SER B 434 -14.14 -20.62 -16.41
CA SER B 434 -14.29 -21.88 -15.61
C SER B 434 -13.16 -22.05 -14.59
N ASP B 435 -11.92 -21.68 -14.94
CA ASP B 435 -10.77 -21.95 -14.05
C ASP B 435 -10.59 -20.92 -12.93
N HIS B 436 -11.04 -21.23 -11.70
CA HIS B 436 -10.78 -20.34 -10.53
C HIS B 436 -11.16 -21.09 -9.25
N GLU B 437 -10.62 -20.67 -8.09
CA GLU B 437 -10.95 -21.27 -6.77
C GLU B 437 -11.04 -20.11 -5.76
N LEU B 438 -11.78 -20.27 -4.66
CA LEU B 438 -11.99 -19.19 -3.67
C LEU B 438 -11.60 -19.63 -2.26
N MET B 439 -10.77 -18.86 -1.55
CA MET B 439 -10.40 -19.13 -0.13
C MET B 439 -10.89 -17.92 0.68
N LEU B 440 -11.74 -18.10 1.69
CA LEU B 440 -12.36 -16.96 2.42
C LEU B 440 -12.12 -17.02 3.93
N ARG B 441 -11.65 -15.92 4.53
CA ARG B 441 -11.48 -15.81 6.00
C ARG B 441 -12.21 -14.53 6.41
N CYS B 442 -13.23 -14.60 7.26
CA CYS B 442 -14.04 -13.42 7.66
C CYS B 442 -14.44 -13.50 9.13
N THR B 443 -14.43 -12.38 9.86
CA THR B 443 -14.90 -12.29 11.26
C THR B 443 -16.11 -11.36 11.23
N LYS B 444 -17.25 -11.74 11.80
CA LYS B 444 -18.49 -10.93 11.67
C LYS B 444 -18.27 -9.54 12.27
N GLY B 445 -18.68 -8.48 11.56
CA GLY B 445 -18.56 -7.09 12.04
C GLY B 445 -17.12 -6.71 12.36
N ARG B 446 -16.15 -7.25 11.62
CA ARG B 446 -14.70 -6.95 11.83
C ARG B 446 -14.02 -6.78 10.47
N GLU B 447 -13.87 -7.86 9.70
CA GLU B 447 -13.24 -7.81 8.35
C GLU B 447 -13.72 -8.98 7.50
N TYR B 448 -13.71 -8.85 6.17
CA TYR B 448 -14.04 -9.95 5.23
C TYR B 448 -12.88 -10.00 4.22
N ILE B 449 -12.17 -11.12 4.11
CA ILE B 449 -11.08 -11.28 3.11
C ILE B 449 -11.40 -12.50 2.25
N LYS B 450 -11.32 -12.38 0.92
CA LYS B 450 -11.56 -13.49 -0.02
C LYS B 450 -10.37 -13.50 -0.98
N VAL B 451 -9.89 -14.68 -1.39
CA VAL B 451 -8.72 -14.82 -2.30
C VAL B 451 -9.18 -15.59 -3.54
N VAL B 452 -8.91 -15.07 -4.74
CA VAL B 452 -9.26 -15.73 -6.02
C VAL B 452 -7.96 -16.29 -6.60
N MET B 453 -7.83 -17.61 -6.70
CA MET B 453 -6.58 -18.27 -7.20
C MET B 453 -6.96 -19.20 -8.37
N GLN B 454 -6.68 -18.77 -9.61
CA GLN B 454 -7.12 -19.59 -10.79
C GLN B 454 -6.42 -20.95 -10.82
N ASN B 455 -5.10 -20.99 -10.62
CA ASN B 455 -4.35 -22.27 -10.74
C ASN B 455 -3.41 -22.46 -9.54
N GLY B 456 -3.81 -22.02 -8.36
CA GLY B 456 -2.88 -22.06 -7.21
C GLY B 456 -2.01 -20.82 -7.23
N ARG B 457 -2.24 -19.94 -8.21
CA ARG B 457 -1.50 -18.65 -8.30
C ARG B 457 -2.56 -17.57 -8.16
N MET B 458 -2.33 -16.57 -7.31
CA MET B 458 -3.40 -15.57 -7.01
C MET B 458 -3.64 -14.59 -8.16
N MET B 459 -4.74 -14.77 -8.91
CA MET B 459 -5.13 -13.73 -9.92
C MET B 459 -5.62 -12.46 -9.23
N GLY B 460 -6.46 -12.59 -8.19
CA GLY B 460 -7.08 -11.41 -7.53
C GLY B 460 -7.54 -11.75 -6.13
N ALA B 461 -7.87 -10.74 -5.31
CA ALA B 461 -8.41 -10.96 -3.94
C ALA B 461 -9.32 -9.80 -3.56
N VAL B 462 -10.32 -10.02 -2.70
CA VAL B 462 -11.21 -8.93 -2.16
C VAL B 462 -10.80 -8.75 -0.70
N LEU B 463 -10.43 -7.54 -0.29
CA LEU B 463 -10.07 -7.23 1.12
C LEU B 463 -11.06 -6.20 1.63
N ILE B 464 -11.74 -6.47 2.75
CA ILE B 464 -12.72 -5.53 3.37
C ILE B 464 -12.40 -5.53 4.87
N GLY B 465 -12.37 -4.36 5.51
CA GLY B 465 -12.14 -4.23 6.97
C GLY B 465 -10.88 -3.46 7.30
N GLU B 466 -10.37 -3.57 8.53
CA GLU B 466 -9.20 -2.79 9.01
C GLU B 466 -7.90 -3.54 8.70
N THR B 467 -7.96 -4.67 7.99
CA THR B 467 -6.76 -5.48 7.64
C THR B 467 -5.79 -4.59 6.84
N ASP B 468 -4.49 -4.65 7.13
CA ASP B 468 -3.44 -3.84 6.47
C ASP B 468 -2.63 -4.75 5.55
N LEU B 469 -3.23 -5.84 5.05
CA LEU B 469 -2.47 -6.86 4.26
C LEU B 469 -2.49 -6.50 2.77
N GLU B 470 -3.01 -5.34 2.33
CA GLU B 470 -3.21 -4.98 0.89
C GLU B 470 -1.92 -4.97 0.06
N GLU B 471 -0.77 -4.58 0.61
CA GLU B 471 0.53 -4.64 -0.07
C GLU B 471 0.97 -6.09 -0.33
N THR B 472 0.76 -6.98 0.65
CA THR B 472 1.12 -8.39 0.52
C THR B 472 0.33 -9.05 -0.59
N PHE B 473 -0.99 -8.84 -0.61
CA PHE B 473 -1.83 -9.37 -1.67
C PHE B 473 -1.47 -8.78 -3.02
N GLU B 474 -1.14 -7.49 -3.09
CA GLU B 474 -0.66 -6.86 -4.33
C GLU B 474 0.61 -7.57 -4.84
N ASN B 475 1.58 -7.80 -3.96
CA ASN B 475 2.84 -8.40 -4.34
C ASN B 475 2.69 -9.84 -4.82
N LEU B 476 1.97 -10.67 -4.07
CA LEU B 476 1.75 -12.05 -4.48
C LEU B 476 1.08 -12.12 -5.85
N ILE B 477 0.19 -11.18 -6.17
CA ILE B 477 -0.45 -11.14 -7.49
C ILE B 477 0.56 -10.81 -8.59
N LEU B 478 1.38 -9.76 -8.46
CA LEU B 478 2.34 -9.40 -9.52
C LEU B 478 3.56 -10.33 -9.62
N ASN B 479 3.89 -11.10 -8.59
CA ASN B 479 4.94 -12.12 -8.66
C ASN B 479 4.47 -13.39 -9.36
N GLN B 480 3.20 -13.75 -9.19
CA GLN B 480 2.69 -15.08 -9.53
C GLN B 480 3.48 -16.21 -8.88
N MET B 481 3.89 -16.04 -7.62
CA MET B 481 4.46 -17.14 -6.84
C MET B 481 3.50 -18.32 -6.82
N ASN B 482 4.01 -19.55 -6.94
CA ASN B 482 3.15 -20.72 -6.81
C ASN B 482 2.83 -20.95 -5.33
N LEU B 483 1.63 -20.57 -4.92
CA LEU B 483 1.20 -20.66 -3.52
C LEU B 483 0.58 -22.02 -3.20
N SER B 484 0.56 -22.96 -4.15
CA SER B 484 -0.07 -24.27 -3.96
C SER B 484 0.42 -25.03 -2.74
N SER B 485 1.71 -24.96 -2.43
CA SER B 485 2.31 -25.60 -1.24
C SER B 485 1.82 -24.97 0.06
N TYR B 486 1.60 -23.66 0.07
CA TYR B 486 1.02 -22.96 1.22
C TYR B 486 -0.45 -23.34 1.43
N GLY B 487 -1.09 -23.97 0.46
CA GLY B 487 -2.38 -24.61 0.61
C GLY B 487 -3.49 -23.66 1.06
N GLU B 488 -4.45 -24.18 1.81
CA GLU B 488 -5.55 -23.38 2.37
C GLU B 488 -5.10 -22.48 3.53
N ASP B 489 -3.94 -22.71 4.13
CA ASP B 489 -3.47 -21.95 5.29
C ASP B 489 -2.95 -20.54 4.93
N LEU B 490 -2.94 -20.13 3.66
CA LEU B 490 -2.53 -18.78 3.25
C LEU B 490 -3.35 -17.66 3.89
N LEU B 491 -4.44 -17.99 4.56
CA LEU B 491 -5.30 -17.03 5.20
C LEU B 491 -5.65 -17.43 6.63
N ASP B 492 -4.87 -18.33 7.24
CA ASP B 492 -5.08 -18.71 8.63
C ASP B 492 -4.80 -17.53 9.59
N PRO B 493 -5.64 -17.30 10.61
CA PRO B 493 -5.49 -16.17 11.52
C PRO B 493 -4.15 -16.07 12.25
N ASN B 494 -3.52 -17.19 12.62
CA ASN B 494 -2.34 -17.16 13.49
C ASN B 494 -1.03 -16.87 12.74
N ILE B 495 -1.01 -16.94 11.42
CA ILE B 495 0.21 -16.72 10.63
C ILE B 495 0.18 -15.30 10.09
N ASP B 496 1.27 -14.56 10.31
CA ASP B 496 1.41 -13.19 9.83
C ASP B 496 1.82 -13.17 8.36
N ILE B 497 0.87 -13.43 7.46
CA ILE B 497 1.23 -13.52 6.02
C ILE B 497 1.83 -12.20 5.55
N GLU B 498 1.41 -11.08 6.15
CA GLU B 498 2.01 -9.76 5.79
C GLU B 498 3.50 -9.77 6.16
N ASP B 499 3.83 -10.26 7.36
CA ASP B 499 5.25 -10.36 7.80
C ASP B 499 5.97 -11.41 6.95
N TYR B 500 5.27 -12.50 6.59
CA TYR B 500 5.89 -13.62 5.84
C TYR B 500 6.40 -13.11 4.48
N PHE B 501 5.63 -12.23 3.83
CA PHE B 501 6.03 -11.74 2.49
C PHE B 501 6.36 -10.24 2.55
N ASP B 502 6.85 -9.76 3.68
CA ASP B 502 7.27 -8.35 3.78
C ASP B 502 8.57 -8.12 3.03
#